data_4ZX5
#
_entry.id   4ZX5
#
_cell.length_a   74.810
_cell.length_b   109.030
_cell.length_c   117.650
_cell.angle_alpha   90.00
_cell.angle_beta   90.00
_cell.angle_gamma   90.00
#
_symmetry.space_group_name_H-M   'P 21 21 21'
#
loop_
_entity.id
_entity.type
_entity.pdbx_description
1 polymer 'M1 family aminopeptidase'
2 non-polymer 'ZINC ION'
3 non-polymer N-{(1R)-2-(hydroxyamino)-2-oxo-1-[4-(thiophen-3-yl)phenyl]ethyl}-2,2-dimethylpropanamide
4 non-polymer 'MAGNESIUM ION'
5 non-polymer 'DIMETHYL SULFOXIDE'
6 non-polymer GLYCEROL
7 water water
#
_entity_poly.entity_id   1
_entity_poly.type   'polypeptide(L)'
_entity_poly.pdbx_seq_one_letter_code
;EPKIHYRKDYKPSGFIINQVTLNINIHDQETIVRSVLDMDISKHNVGEDLVFDGVGLKINEISINNKKLVEGEEYTYDNE
FLTIFSKFVPKSKFAFSSEVIIHPETNYALTGLYKSKNIIVSQCEATGFRRITFFIDRPDMMAKYDVTVTADKEKYPVLL
SNGDKVNEFEIPGGRHGARFNDPPLKPCYLFAVVAGDLKHLSATYITKYTKKKVELYVFSEEKYVSKLQWALECLKKSMA
FDEDYFGLEYDLSRLNLVAVSDFNVGAMENKGLNIFNANSLLASKKNSIDFSYARILTVVGHEYFHQYTGNRVTLRDWFQ
LTLKEGLTVHRENLFSEEMTKTVTTRLSHVDLLRSVQFLEDSSPLSHPIRPESYVSMENFYTTTVYDKGSEVMRMYLTIL
GEEYYKKGFDIYIKKNDGNTATCEDFNYAMEQAYKMKKADNSANLNQYLLWFSQSGTPHVSFKYNYDAEKKQYSIHVNQY
TKPDENQKEKKPLFIPISVGLINPENGKEMISQTTLELTKESDTFVFNNIAVKPIPSLFRGFSAPVYIEDQLTDEERILL
LKYDSDAFVRYNSCTNIYMKQILMNYNEFLKAKNEKLESFQLTPVNAQFIDAIKYLLEDPHADAGFKSYIVSLPQDRYII
NFVSNLDTDVLADTKEYIYKQIGDKLNDVYYKMFKSLEAKADDLTYFNDESHVDFDQMNMRTLRNTLLSLLSKAQYPNIL
NEIIEHSKSPYPSNWLTSLSVSAYFDKYFELYDKTYKLSKDDELLLQEWLKTVSRSDRKDIYEILKKLENEVLKDSKNPN
DIRAVYLPFTNNLRRFHDISGKGYKLIAEVITKTDKFNPMVATQLCEPFKLWNKLDTKRQELMLNEMNTMLQEPQISNNL
KEYLLRLTNK
;
_entity_poly.pdbx_strand_id   A
#
loop_
_chem_comp.id
_chem_comp.type
_chem_comp.name
_chem_comp.formula
4TM non-polymer N-{(1R)-2-(hydroxyamino)-2-oxo-1-[4-(thiophen-3-yl)phenyl]ethyl}-2,2-dimethylpropanamide 'C17 H20 N2 O3 S'
DMS non-polymer 'DIMETHYL SULFOXIDE' 'C2 H6 O S'
GOL non-polymer GLYCEROL 'C3 H8 O3'
MG non-polymer 'MAGNESIUM ION' 'Mg 2'
ZN non-polymer 'ZINC ION' 'Zn 2'
#
# COMPACT_ATOMS: atom_id res chain seq x y z
N PRO A 2 -21.23 -19.24 -6.83
CA PRO A 2 -20.69 -18.17 -5.98
C PRO A 2 -20.25 -18.67 -4.60
N LYS A 3 -19.15 -19.43 -4.55
CA LYS A 3 -18.70 -20.05 -3.30
C LYS A 3 -18.17 -19.02 -2.31
N ILE A 4 -18.86 -18.89 -1.18
CA ILE A 4 -18.44 -17.99 -0.11
C ILE A 4 -17.74 -18.77 1.00
N HIS A 5 -16.56 -18.29 1.39
CA HIS A 5 -15.83 -18.91 2.49
C HIS A 5 -16.04 -18.11 3.77
N TYR A 6 -16.30 -18.80 4.87
CA TYR A 6 -16.59 -18.14 6.13
C TYR A 6 -15.48 -18.39 7.14
N ARG A 7 -15.08 -17.33 7.85
CA ARG A 7 -14.03 -17.43 8.84
C ARG A 7 -14.36 -18.44 9.91
N LYS A 8 -15.63 -18.47 10.32
CA LYS A 8 -16.10 -19.35 11.38
C LYS A 8 -16.02 -20.82 10.99
N ASP A 9 -15.90 -21.07 9.69
CA ASP A 9 -15.94 -22.43 9.17
C ASP A 9 -14.58 -23.12 9.10
N TYR A 10 -13.52 -22.46 9.60
CA TYR A 10 -12.18 -23.04 9.48
C TYR A 10 -12.10 -24.45 10.05
N LYS A 11 -11.73 -25.41 9.19
CA LYS A 11 -11.41 -26.77 9.61
C LYS A 11 -10.05 -27.19 9.07
N PRO A 12 -9.25 -27.87 9.89
CA PRO A 12 -8.01 -28.43 9.34
C PRO A 12 -8.30 -29.48 8.26
N SER A 13 -7.40 -29.61 7.30
CA SER A 13 -7.55 -30.59 6.21
C SER A 13 -7.51 -32.03 6.73
N GLY A 14 -8.26 -32.92 6.07
CA GLY A 14 -8.17 -34.34 6.36
C GLY A 14 -6.93 -34.97 5.77
N PHE A 15 -6.09 -34.15 5.14
CA PHE A 15 -4.86 -34.66 4.55
C PHE A 15 -3.64 -33.90 5.03
N ILE A 16 -2.49 -34.54 4.84
CA ILE A 16 -1.20 -33.94 5.13
C ILE A 16 -0.29 -34.08 3.91
N ILE A 17 0.43 -33.01 3.59
CA ILE A 17 1.48 -33.04 2.57
C ILE A 17 2.81 -32.75 3.25
N ASN A 18 3.66 -33.78 3.34
CA ASN A 18 4.95 -33.66 4.02
C ASN A 18 6.08 -33.20 3.12
N GLN A 19 6.09 -33.69 1.89
CA GLN A 19 7.19 -33.40 0.97
C GLN A 19 6.71 -33.09 -0.44
N VAL A 20 7.31 -32.06 -1.03
CA VAL A 20 7.03 -31.72 -2.41
C VAL A 20 8.30 -31.89 -3.24
N THR A 21 8.22 -32.70 -4.27
CA THR A 21 9.36 -32.84 -5.16
C THR A 21 8.96 -32.45 -6.57
N LEU A 22 9.46 -31.29 -7.00
CA LEU A 22 9.08 -30.73 -8.28
C LEU A 22 10.19 -30.86 -9.30
N ASN A 23 9.79 -31.05 -10.54
CA ASN A 23 10.64 -30.91 -11.71
C ASN A 23 9.95 -29.95 -12.67
N ILE A 24 10.55 -28.77 -12.85
CA ILE A 24 9.98 -27.76 -13.74
C ILE A 24 10.85 -27.64 -14.99
N ASN A 25 10.32 -28.11 -16.11
CA ASN A 25 11.07 -28.12 -17.35
C ASN A 25 10.50 -27.10 -18.34
N ILE A 26 11.25 -26.03 -18.52
CA ILE A 26 10.83 -24.90 -19.35
C ILE A 26 11.29 -25.08 -20.79
N HIS A 27 10.33 -25.08 -21.71
CA HIS A 27 10.64 -25.19 -23.13
C HIS A 27 10.05 -23.98 -23.87
N ASP A 28 10.29 -23.92 -25.18
CA ASP A 28 9.91 -22.77 -25.98
C ASP A 28 8.39 -22.53 -25.97
N GLN A 29 7.61 -23.58 -26.20
CA GLN A 29 6.18 -23.40 -26.36
C GLN A 29 5.35 -23.87 -25.17
N GLU A 30 6.01 -24.51 -24.20
CA GLU A 30 5.31 -25.07 -23.05
C GLU A 30 6.26 -25.28 -21.91
N THR A 31 5.72 -25.35 -20.70
CA THR A 31 6.50 -25.79 -19.56
C THR A 31 5.86 -27.04 -18.98
N ILE A 32 6.67 -28.07 -18.79
CA ILE A 32 6.19 -29.32 -18.23
C ILE A 32 6.52 -29.38 -16.74
N VAL A 33 5.52 -29.65 -15.91
CA VAL A 33 5.73 -29.68 -14.47
C VAL A 33 5.45 -31.06 -13.89
N ARG A 34 6.50 -31.68 -13.37
CA ARG A 34 6.36 -32.97 -12.71
C ARG A 34 6.41 -32.80 -11.21
N SER A 35 5.47 -33.40 -10.51
CA SER A 35 5.38 -33.25 -9.07
C SER A 35 5.08 -34.56 -8.35
N VAL A 36 5.83 -34.82 -7.29
CA VAL A 36 5.53 -35.93 -6.39
C VAL A 36 5.25 -35.37 -5.01
N LEU A 37 4.07 -35.69 -4.49
CA LEU A 37 3.67 -35.24 -3.16
C LEU A 37 3.66 -36.40 -2.19
N ASP A 38 4.50 -36.35 -1.17
CA ASP A 38 4.49 -37.39 -0.16
C ASP A 38 3.46 -37.03 0.87
N MET A 39 2.39 -37.80 0.92
CA MET A 39 1.24 -37.40 1.70
C MET A 39 0.87 -38.38 2.80
N ASP A 40 -0.03 -37.92 3.66
CA ASP A 40 -0.56 -38.75 4.72
C ASP A 40 -2.02 -38.38 4.98
N ILE A 41 -2.67 -39.19 5.79
CA ILE A 41 -4.03 -38.99 6.25
C ILE A 41 -3.98 -38.32 7.63
N SER A 42 -4.77 -37.27 7.85
CA SER A 42 -4.73 -36.57 9.14
C SER A 42 -5.80 -37.09 10.10
N LYS A 43 -5.72 -36.64 11.36
CA LYS A 43 -6.65 -37.11 12.38
C LYS A 43 -8.05 -36.56 12.14
N HIS A 44 -8.14 -35.55 11.29
CA HIS A 44 -9.42 -34.92 10.99
C HIS A 44 -10.07 -35.55 9.77
N ASN A 45 -9.41 -36.53 9.18
CA ASN A 45 -9.93 -37.21 8.02
C ASN A 45 -11.18 -38.02 8.38
N VAL A 46 -12.17 -38.00 7.48
CA VAL A 46 -13.43 -38.72 7.72
C VAL A 46 -13.77 -39.56 6.50
N GLY A 47 -12.77 -39.89 5.70
CA GLY A 47 -12.95 -40.72 4.53
C GLY A 47 -13.38 -39.98 3.28
N GLU A 48 -13.17 -38.67 3.26
CA GLU A 48 -13.61 -37.85 2.13
C GLU A 48 -12.75 -38.04 0.87
N ASP A 49 -13.28 -37.59 -0.27
CA ASP A 49 -12.52 -37.55 -1.50
C ASP A 49 -11.25 -36.72 -1.33
N LEU A 50 -10.19 -37.08 -2.06
CA LEU A 50 -9.00 -36.26 -2.08
C LEU A 50 -9.18 -35.18 -3.15
N VAL A 51 -9.28 -33.93 -2.71
CA VAL A 51 -9.54 -32.85 -3.64
C VAL A 51 -8.37 -31.88 -3.70
N PHE A 52 -7.76 -31.80 -4.87
CA PHE A 52 -6.67 -30.87 -5.12
C PHE A 52 -7.18 -29.64 -5.84
N ASP A 53 -6.62 -28.49 -5.48
CA ASP A 53 -6.70 -27.32 -6.33
C ASP A 53 -5.81 -27.51 -7.54
N GLY A 54 -6.30 -27.10 -8.70
CA GLY A 54 -5.49 -27.09 -9.91
C GLY A 54 -6.23 -26.29 -10.97
N VAL A 55 -5.72 -25.11 -11.28
CA VAL A 55 -6.40 -24.22 -12.21
C VAL A 55 -5.66 -24.11 -13.55
N GLY A 56 -6.33 -24.52 -14.62
CA GLY A 56 -5.79 -24.35 -15.96
C GLY A 56 -4.65 -25.30 -16.29
N LEU A 57 -4.56 -26.41 -15.56
CA LEU A 57 -3.50 -27.38 -15.79
C LEU A 57 -3.92 -28.35 -16.88
N LYS A 58 -3.01 -28.70 -17.76
CA LYS A 58 -3.28 -29.73 -18.75
C LYS A 58 -2.66 -31.01 -18.24
N ILE A 59 -3.49 -32.00 -17.95
CA ILE A 59 -3.02 -33.27 -17.38
C ILE A 59 -2.45 -34.20 -18.44
N ASN A 60 -1.19 -34.59 -18.27
CA ASN A 60 -0.62 -35.69 -19.04
C ASN A 60 -0.93 -37.01 -18.35
N GLU A 61 -0.65 -37.06 -17.05
CA GLU A 61 -0.98 -38.23 -16.24
C GLU A 61 -0.95 -37.91 -14.75
N ILE A 62 -1.72 -38.67 -13.98
CA ILE A 62 -1.63 -38.58 -12.53
C ILE A 62 -1.59 -39.99 -11.95
N SER A 63 -0.94 -40.12 -10.80
CA SER A 63 -0.74 -41.43 -10.20
C SER A 63 -0.81 -41.39 -8.68
N ILE A 64 -1.10 -42.54 -8.09
CA ILE A 64 -0.96 -42.76 -6.65
C ILE A 64 -0.07 -43.99 -6.40
N ASN A 65 1.05 -43.79 -5.72
CA ASN A 65 2.03 -44.86 -5.51
C ASN A 65 2.47 -45.48 -6.83
N ASN A 66 2.80 -44.62 -7.80
CA ASN A 66 3.30 -45.02 -9.13
C ASN A 66 2.31 -45.86 -9.94
N LYS A 67 1.04 -45.84 -9.55
CA LYS A 67 -0.01 -46.46 -10.36
C LYS A 67 -0.83 -45.38 -11.05
N LYS A 68 -0.87 -45.43 -12.38
CA LYS A 68 -1.56 -44.42 -13.18
C LYS A 68 -3.05 -44.41 -12.86
N LEU A 69 -3.64 -43.23 -12.72
CA LEU A 69 -5.08 -43.13 -12.45
C LEU A 69 -5.88 -42.89 -13.73
N VAL A 70 -7.06 -43.49 -13.81
CA VAL A 70 -7.87 -43.37 -15.00
C VAL A 70 -8.95 -42.32 -14.79
N GLU A 71 -9.05 -41.40 -15.75
CA GLU A 71 -10.00 -40.31 -15.72
C GLU A 71 -11.46 -40.78 -15.81
N GLY A 72 -12.30 -40.30 -14.90
CA GLY A 72 -13.72 -40.60 -14.97
C GLY A 72 -14.19 -41.66 -13.99
N GLU A 73 -13.43 -42.75 -13.88
CA GLU A 73 -13.78 -43.79 -12.92
C GLU A 73 -13.04 -43.61 -11.59
N GLU A 74 -11.82 -43.06 -11.66
CA GLU A 74 -11.01 -42.86 -10.45
C GLU A 74 -10.83 -41.37 -10.11
N TYR A 75 -10.97 -40.48 -11.09
CA TYR A 75 -10.89 -39.05 -10.81
C TYR A 75 -11.64 -38.22 -11.83
N THR A 76 -12.00 -37.02 -11.41
CA THR A 76 -12.54 -36.01 -12.32
C THR A 76 -11.72 -34.74 -12.16
N TYR A 77 -11.51 -34.04 -13.28
CA TYR A 77 -10.87 -32.72 -13.27
C TYR A 77 -11.72 -31.77 -14.11
N ASP A 78 -11.95 -30.58 -13.57
CA ASP A 78 -12.85 -29.63 -14.22
C ASP A 78 -12.17 -28.29 -14.44
N ASN A 79 -10.84 -28.32 -14.56
CA ASN A 79 -9.98 -27.14 -14.71
C ASN A 79 -9.87 -26.28 -13.45
N GLU A 80 -10.43 -26.75 -12.35
CA GLU A 80 -10.37 -26.01 -11.09
C GLU A 80 -10.03 -26.92 -9.91
N PHE A 81 -10.73 -28.05 -9.86
CA PHE A 81 -10.53 -29.05 -8.80
C PHE A 81 -10.29 -30.42 -9.40
N LEU A 82 -9.22 -31.07 -8.96
CA LEU A 82 -8.98 -32.46 -9.25
C LEU A 82 -9.57 -33.27 -8.09
N THR A 83 -10.60 -34.06 -8.38
CA THR A 83 -11.25 -34.87 -7.35
C THR A 83 -10.89 -36.35 -7.53
N ILE A 84 -10.19 -36.91 -6.55
CA ILE A 84 -9.89 -38.34 -6.54
C ILE A 84 -10.83 -39.06 -5.57
N PHE A 85 -11.73 -39.87 -6.12
CA PHE A 85 -12.77 -40.57 -5.35
C PHE A 85 -12.13 -41.36 -4.23
N SER A 86 -12.69 -41.24 -3.02
CA SER A 86 -12.01 -41.69 -1.81
C SER A 86 -11.60 -43.15 -1.84
N LYS A 87 -12.42 -44.00 -2.45
CA LYS A 87 -12.14 -45.44 -2.49
C LYS A 87 -10.79 -45.74 -3.13
N PHE A 88 -10.22 -44.77 -3.84
CA PHE A 88 -8.91 -44.94 -4.46
C PHE A 88 -7.82 -44.21 -3.69
N VAL A 89 -8.21 -43.54 -2.60
CA VAL A 89 -7.26 -42.84 -1.75
C VAL A 89 -6.78 -43.78 -0.66
N PRO A 90 -5.45 -43.95 -0.54
CA PRO A 90 -4.86 -44.82 0.50
C PRO A 90 -5.16 -44.32 1.90
N LYS A 91 -5.00 -45.17 2.90
CA LYS A 91 -5.40 -44.82 4.26
C LYS A 91 -4.20 -44.61 5.18
N SER A 92 -3.00 -44.76 4.63
CA SER A 92 -1.79 -44.40 5.33
C SER A 92 -0.95 -43.53 4.40
N LYS A 93 0.32 -43.33 4.76
CA LYS A 93 1.24 -42.57 3.94
C LYS A 93 1.22 -43.08 2.51
N PHE A 94 1.15 -42.15 1.56
CA PHE A 94 1.13 -42.49 0.15
C PHE A 94 1.76 -41.38 -0.66
N ALA A 95 2.11 -41.70 -1.90
CA ALA A 95 2.67 -40.72 -2.82
C ALA A 95 1.68 -40.40 -3.92
N PHE A 96 1.38 -39.12 -4.09
CA PHE A 96 0.63 -38.68 -5.24
C PHE A 96 1.60 -38.05 -6.24
N SER A 97 1.48 -38.41 -7.52
CA SER A 97 2.32 -37.79 -8.52
C SER A 97 1.52 -37.30 -9.73
N SER A 98 2.04 -36.30 -10.43
CA SER A 98 1.37 -35.78 -11.61
C SER A 98 2.37 -35.13 -12.56
N GLU A 99 1.97 -35.07 -13.83
CA GLU A 99 2.73 -34.31 -14.82
C GLU A 99 1.72 -33.47 -15.56
N VAL A 100 1.90 -32.17 -15.52
CA VAL A 100 0.99 -31.27 -16.22
C VAL A 100 1.76 -30.34 -17.12
N ILE A 101 1.03 -29.73 -18.04
CA ILE A 101 1.63 -28.76 -18.95
C ILE A 101 1.02 -27.39 -18.68
N ILE A 102 1.87 -26.38 -18.57
CA ILE A 102 1.39 -25.01 -18.44
C ILE A 102 2.11 -24.13 -19.46
N HIS A 103 1.68 -22.88 -19.57
CA HIS A 103 2.20 -22.03 -20.63
C HIS A 103 2.51 -20.61 -20.14
N PRO A 104 3.67 -20.43 -19.51
CA PRO A 104 3.97 -19.10 -18.96
C PRO A 104 4.04 -18.00 -20.03
N GLU A 105 4.35 -18.36 -21.28
CA GLU A 105 4.47 -17.39 -22.36
C GLU A 105 3.18 -16.60 -22.59
N THR A 106 2.04 -17.26 -22.40
CA THR A 106 0.76 -16.63 -22.66
C THR A 106 -0.02 -16.34 -21.38
N ASN A 107 0.67 -16.46 -20.24
CA ASN A 107 0.04 -16.19 -18.97
C ASN A 107 0.15 -14.69 -18.64
N TYR A 108 -0.81 -13.92 -19.15
CA TYR A 108 -0.79 -12.46 -19.02
C TYR A 108 -1.45 -11.97 -17.74
N ALA A 109 -2.01 -12.91 -16.97
CA ALA A 109 -2.62 -12.60 -15.68
C ALA A 109 -1.56 -12.39 -14.61
N LEU A 110 -0.36 -12.88 -14.87
CA LEU A 110 0.81 -12.67 -14.01
C LEU A 110 0.60 -13.31 -12.63
N THR A 111 -0.09 -14.45 -12.63
CA THR A 111 -0.23 -15.25 -11.43
CA THR A 111 -0.26 -15.25 -11.43
C THR A 111 0.10 -16.70 -11.79
N GLY A 112 0.75 -17.40 -10.87
CA GLY A 112 1.25 -18.72 -11.20
C GLY A 112 2.61 -18.52 -11.82
N LEU A 113 2.94 -19.31 -12.85
CA LEU A 113 4.22 -19.20 -13.53
C LEU A 113 4.04 -18.38 -14.81
N TYR A 114 4.79 -17.29 -14.95
CA TYR A 114 4.63 -16.50 -16.15
C TYR A 114 5.90 -15.90 -16.69
N LYS A 115 5.81 -15.42 -17.92
CA LYS A 115 6.94 -14.82 -18.59
C LYS A 115 6.81 -13.30 -18.52
N SER A 116 7.82 -12.64 -17.94
CA SER A 116 7.91 -11.19 -17.98
C SER A 116 9.10 -10.78 -18.83
N LYS A 117 8.82 -10.22 -20.00
CA LYS A 117 9.84 -9.94 -20.99
C LYS A 117 10.63 -11.22 -21.26
N ASN A 118 11.90 -11.26 -20.88
CA ASN A 118 12.69 -12.48 -21.11
C ASN A 118 12.98 -13.23 -19.82
N ILE A 119 12.18 -12.98 -18.79
CA ILE A 119 12.34 -13.64 -17.49
C ILE A 119 11.12 -14.53 -17.20
N ILE A 120 11.38 -15.77 -16.77
CA ILE A 120 10.30 -16.62 -16.29
C ILE A 120 10.24 -16.46 -14.78
N VAL A 121 9.05 -16.20 -14.24
CA VAL A 121 8.94 -15.91 -12.82
C VAL A 121 7.61 -16.41 -12.26
N SER A 122 7.57 -16.70 -10.96
CA SER A 122 6.32 -17.12 -10.32
C SER A 122 5.75 -16.04 -9.41
N GLN A 123 4.43 -16.08 -9.23
CA GLN A 123 3.75 -15.33 -8.18
C GLN A 123 2.66 -16.25 -7.62
N CYS A 124 2.81 -16.71 -6.40
CA CYS A 124 1.90 -17.70 -5.84
C CYS A 124 0.94 -17.18 -4.78
N GLU A 125 1.27 -16.09 -4.10
CA GLU A 125 0.27 -15.54 -3.17
C GLU A 125 -0.84 -14.86 -3.97
N ALA A 126 -2.11 -15.14 -3.67
CA ALA A 126 -2.53 -16.05 -2.60
C ALA A 126 -2.78 -17.46 -3.12
N THR A 127 -3.43 -17.55 -4.28
CA THR A 127 -3.84 -18.83 -4.85
C THR A 127 -3.14 -19.13 -6.18
N GLY A 128 -1.89 -18.72 -6.31
CA GLY A 128 -1.17 -18.90 -7.55
C GLY A 128 -0.49 -20.25 -7.71
N PHE A 129 -0.15 -20.92 -6.61
CA PHE A 129 0.58 -22.18 -6.70
C PHE A 129 -0.23 -23.24 -7.45
N ARG A 130 -1.55 -23.24 -7.26
CA ARG A 130 -2.43 -24.19 -7.92
C ARG A 130 -2.47 -24.01 -9.46
N ARG A 131 -1.96 -22.89 -9.95
CA ARG A 131 -1.80 -22.67 -11.39
C ARG A 131 -0.50 -23.24 -11.94
N ILE A 132 0.32 -23.80 -11.05
CA ILE A 132 1.58 -24.41 -11.44
C ILE A 132 1.51 -25.94 -11.36
N THR A 133 0.95 -26.45 -10.27
CA THR A 133 0.72 -27.87 -10.12
C THR A 133 -0.42 -28.11 -9.12
N PHE A 134 -0.87 -29.36 -9.01
CA PHE A 134 -1.94 -29.68 -8.08
C PHE A 134 -1.49 -29.52 -6.63
N PHE A 135 -2.36 -29.00 -5.77
CA PHE A 135 -2.00 -28.88 -4.36
C PHE A 135 -3.24 -28.60 -3.51
N ILE A 136 -3.13 -28.85 -2.22
CA ILE A 136 -4.16 -28.39 -1.30
C ILE A 136 -3.70 -26.98 -0.93
N ASP A 137 -4.09 -26.04 -1.78
CA ASP A 137 -3.49 -24.71 -1.85
C ASP A 137 -4.07 -23.79 -0.80
N ARG A 138 -3.63 -23.98 0.44
CA ARG A 138 -4.02 -23.14 1.58
C ARG A 138 -2.84 -23.05 2.54
N PRO A 139 -2.72 -21.92 3.26
CA PRO A 139 -1.45 -21.64 3.93
C PRO A 139 -1.15 -22.53 5.12
N ASP A 140 -2.12 -23.30 5.62
CA ASP A 140 -1.84 -24.21 6.73
C ASP A 140 -1.33 -25.57 6.29
N MET A 141 -1.19 -25.79 4.97
CA MET A 141 -0.59 -27.05 4.49
C MET A 141 0.93 -26.89 4.34
N MET A 142 1.65 -27.10 5.43
CA MET A 142 3.10 -26.87 5.49
C MET A 142 3.89 -28.08 5.00
N ALA A 143 4.85 -27.86 4.11
CA ALA A 143 5.60 -28.97 3.54
C ALA A 143 7.06 -28.61 3.27
N LYS A 144 7.89 -29.65 3.08
CA LYS A 144 9.27 -29.50 2.63
C LYS A 144 9.31 -29.48 1.10
N TYR A 145 10.28 -28.77 0.52
CA TYR A 145 10.33 -28.60 -0.93
C TYR A 145 11.70 -28.95 -1.51
N ASP A 146 11.67 -29.77 -2.55
CA ASP A 146 12.85 -30.16 -3.31
C ASP A 146 12.53 -29.87 -4.78
N VAL A 147 13.14 -28.84 -5.33
CA VAL A 147 12.75 -28.32 -6.64
C VAL A 147 13.90 -28.30 -7.65
N THR A 148 13.68 -28.96 -8.80
CA THR A 148 14.61 -28.90 -9.93
C THR A 148 14.04 -28.08 -11.10
N VAL A 149 14.82 -27.13 -11.60
CA VAL A 149 14.43 -26.37 -12.79
C VAL A 149 15.39 -26.64 -13.92
N THR A 150 14.85 -26.92 -15.11
CA THR A 150 15.70 -27.02 -16.30
C THR A 150 15.22 -26.08 -17.40
N ALA A 151 16.15 -25.67 -18.27
CA ALA A 151 15.84 -24.70 -19.32
C ALA A 151 16.95 -24.57 -20.33
N ASP A 152 16.65 -23.92 -21.46
CA ASP A 152 17.67 -23.56 -22.43
C ASP A 152 18.72 -22.73 -21.71
N LYS A 153 19.98 -23.13 -21.84
CA LYS A 153 21.02 -22.49 -21.06
C LYS A 153 21.30 -21.08 -21.57
N GLU A 154 21.25 -20.88 -22.88
CA GLU A 154 21.52 -19.56 -23.45
C GLU A 154 20.47 -18.54 -23.03
N LYS A 155 19.21 -18.90 -23.13
CA LYS A 155 18.12 -17.98 -22.79
C LYS A 155 17.93 -17.82 -21.28
N TYR A 156 18.19 -18.88 -20.52
CA TYR A 156 17.98 -18.82 -19.05
C TYR A 156 19.18 -19.30 -18.22
N PRO A 157 20.29 -18.56 -18.25
CA PRO A 157 21.48 -19.04 -17.53
C PRO A 157 21.34 -18.99 -16.00
N VAL A 158 20.52 -18.08 -15.51
CA VAL A 158 20.34 -17.94 -14.05
C VAL A 158 19.07 -18.63 -13.61
N LEU A 159 19.21 -19.63 -12.75
CA LEU A 159 18.08 -20.40 -12.24
C LEU A 159 18.03 -20.25 -10.71
N LEU A 160 16.88 -19.86 -10.19
CA LEU A 160 16.71 -19.61 -8.75
C LEU A 160 15.42 -20.25 -8.22
N SER A 161 15.49 -20.74 -6.98
CA SER A 161 14.30 -21.16 -6.24
C SER A 161 14.61 -21.01 -4.75
N ASN A 162 13.66 -21.38 -3.89
CA ASN A 162 13.90 -21.30 -2.45
C ASN A 162 14.99 -22.27 -1.99
N GLY A 163 15.62 -21.96 -0.87
CA GLY A 163 16.55 -22.89 -0.23
C GLY A 163 17.92 -22.87 -0.87
N ASP A 164 18.64 -23.98 -0.72
CA ASP A 164 20.02 -24.05 -1.20
C ASP A 164 20.09 -24.75 -2.54
N LYS A 165 20.91 -24.19 -3.44
CA LYS A 165 21.23 -24.83 -4.70
C LYS A 165 22.19 -25.95 -4.39
N VAL A 166 21.75 -27.19 -4.62
CA VAL A 166 22.55 -28.34 -4.22
C VAL A 166 23.15 -29.06 -5.40
N ASN A 167 22.60 -28.81 -6.59
CA ASN A 167 23.23 -29.33 -7.80
C ASN A 167 22.98 -28.44 -9.03
N GLU A 168 23.97 -28.43 -9.92
CA GLU A 168 23.91 -27.76 -11.21
C GLU A 168 24.41 -28.75 -12.25
N PHE A 169 23.73 -28.86 -13.38
CA PHE A 169 24.11 -29.89 -14.33
C PHE A 169 23.73 -29.56 -15.76
N GLU A 170 24.52 -30.08 -16.70
CA GLU A 170 24.27 -29.89 -18.12
C GLU A 170 23.29 -30.93 -18.65
N ILE A 171 22.50 -30.53 -19.65
CA ILE A 171 21.52 -31.40 -20.27
C ILE A 171 21.70 -31.35 -21.78
N PRO A 172 21.69 -32.51 -22.46
CA PRO A 172 21.84 -32.55 -23.91
C PRO A 172 20.88 -31.60 -24.64
N GLY A 173 21.35 -30.98 -25.71
CA GLY A 173 20.51 -30.07 -26.46
C GLY A 173 20.56 -28.62 -26.01
N GLY A 174 21.66 -28.23 -25.37
CA GLY A 174 21.84 -26.85 -24.96
C GLY A 174 21.06 -26.45 -23.72
N ARG A 175 20.73 -27.43 -22.88
CA ARG A 175 19.95 -27.17 -21.67
C ARG A 175 20.77 -27.38 -20.41
N HIS A 176 20.31 -26.83 -19.30
CA HIS A 176 20.96 -27.06 -18.02
C HIS A 176 19.91 -27.11 -16.93
N GLY A 177 20.29 -27.66 -15.78
CA GLY A 177 19.35 -27.74 -14.68
C GLY A 177 19.97 -27.29 -13.38
N ALA A 178 19.12 -26.91 -12.43
CA ALA A 178 19.58 -26.65 -11.08
C ALA A 178 18.58 -27.21 -10.08
N ARG A 179 19.10 -27.76 -9.00
CA ARG A 179 18.26 -28.37 -7.97
C ARG A 179 18.38 -27.59 -6.68
N PHE A 180 17.23 -27.28 -6.10
CA PHE A 180 17.16 -26.52 -4.87
C PHE A 180 16.45 -27.31 -3.79
N ASN A 181 17.08 -27.44 -2.64
CA ASN A 181 16.47 -28.13 -1.53
C ASN A 181 16.20 -27.16 -0.39
N ASP A 182 14.95 -27.13 0.06
CA ASP A 182 14.56 -26.20 1.12
C ASP A 182 13.90 -26.98 2.26
N PRO A 183 14.72 -27.48 3.19
CA PRO A 183 14.19 -28.34 4.27
C PRO A 183 13.15 -27.72 5.21
N PRO A 184 13.25 -26.42 5.60
CA PRO A 184 12.22 -25.97 6.55
C PRO A 184 10.81 -25.98 5.95
N LEU A 185 9.82 -26.39 6.73
CA LEU A 185 8.44 -26.36 6.29
C LEU A 185 8.00 -24.95 5.86
N LYS A 186 7.19 -24.88 4.81
CA LYS A 186 6.62 -23.61 4.39
C LYS A 186 5.27 -23.84 3.72
N PRO A 187 4.41 -22.82 3.72
CA PRO A 187 3.19 -22.82 2.90
C PRO A 187 3.54 -22.66 1.42
N CYS A 188 2.68 -23.15 0.53
CA CYS A 188 3.00 -23.12 -0.90
C CYS A 188 3.00 -21.72 -1.51
N TYR A 189 2.32 -20.75 -0.88
CA TYR A 189 2.29 -19.41 -1.46
C TYR A 189 3.67 -18.75 -1.32
N LEU A 190 4.56 -19.35 -0.53
CA LEU A 190 5.91 -18.80 -0.42
C LEU A 190 6.91 -19.47 -1.39
N PHE A 191 6.44 -20.48 -2.14
CA PHE A 191 7.24 -21.05 -3.22
C PHE A 191 7.52 -20.02 -4.30
N ALA A 192 8.72 -20.07 -4.87
CA ALA A 192 9.05 -19.22 -6.01
C ALA A 192 10.09 -19.89 -6.90
N VAL A 193 10.06 -19.51 -8.17
CA VAL A 193 11.10 -19.90 -9.11
C VAL A 193 11.34 -18.73 -10.08
N VAL A 194 12.58 -18.58 -10.48
CA VAL A 194 13.02 -17.56 -11.43
C VAL A 194 14.03 -18.14 -12.40
N ALA A 195 13.84 -17.84 -13.68
CA ALA A 195 14.80 -18.25 -14.70
C ALA A 195 15.00 -17.09 -15.66
N GLY A 196 16.25 -16.73 -15.95
CA GLY A 196 16.50 -15.65 -16.88
C GLY A 196 17.94 -15.28 -17.10
N ASP A 197 18.16 -14.36 -18.03
CA ASP A 197 19.49 -13.82 -18.27
C ASP A 197 19.69 -12.65 -17.31
N LEU A 198 19.86 -12.96 -16.03
CA LEU A 198 19.91 -11.94 -14.98
C LEU A 198 21.34 -11.54 -14.67
N LYS A 199 21.53 -10.25 -14.42
CA LYS A 199 22.80 -9.75 -13.88
C LYS A 199 22.56 -9.34 -12.44
N HIS A 200 23.63 -9.24 -11.65
CA HIS A 200 23.46 -8.92 -10.24
C HIS A 200 24.51 -7.99 -9.64
N LEU A 201 24.15 -7.41 -8.51
CA LEU A 201 25.12 -6.88 -7.55
C LEU A 201 25.02 -7.75 -6.31
N SER A 202 26.11 -7.88 -5.57
CA SER A 202 26.11 -8.69 -4.37
C SER A 202 26.92 -8.06 -3.27
N ALA A 203 26.66 -8.49 -2.04
CA ALA A 203 27.44 -8.06 -0.89
C ALA A 203 27.31 -9.12 0.20
N THR A 204 28.15 -9.01 1.22
CA THR A 204 28.08 -9.91 2.35
C THR A 204 27.69 -9.13 3.60
N TYR A 205 26.72 -9.67 4.33
CA TYR A 205 26.27 -9.07 5.59
C TYR A 205 26.59 -10.04 6.71
N ILE A 206 27.14 -9.52 7.80
CA ILE A 206 27.44 -10.36 8.97
C ILE A 206 26.47 -9.99 10.10
N THR A 207 25.69 -10.98 10.55
CA THR A 207 24.64 -10.72 11.52
C THR A 207 25.23 -10.26 12.84
N LYS A 208 24.41 -9.58 13.63
CA LYS A 208 24.87 -8.87 14.83
C LYS A 208 25.34 -9.78 15.97
N TYR A 209 24.53 -10.77 16.32
CA TYR A 209 24.81 -11.57 17.51
C TYR A 209 25.49 -12.90 17.19
N THR A 210 25.01 -13.61 16.18
CA THR A 210 25.60 -14.90 15.84
C THR A 210 26.78 -14.78 14.89
N LYS A 211 26.93 -13.60 14.27
CA LYS A 211 28.04 -13.31 13.36
C LYS A 211 28.03 -14.19 12.11
N LYS A 212 26.84 -14.70 11.77
CA LYS A 212 26.63 -15.47 10.54
C LYS A 212 26.85 -14.62 9.31
N LYS A 213 27.48 -15.18 8.27
CA LYS A 213 27.66 -14.47 7.02
C LYS A 213 26.49 -14.72 6.08
N VAL A 214 25.86 -13.65 5.62
CA VAL A 214 24.73 -13.77 4.69
C VAL A 214 25.05 -13.16 3.35
N GLU A 215 24.90 -13.93 2.28
CA GLU A 215 25.12 -13.40 0.95
C GLU A 215 23.85 -12.71 0.46
N LEU A 216 24.00 -11.46 0.04
CA LEU A 216 22.90 -10.67 -0.49
C LEU A 216 23.07 -10.49 -1.98
N TYR A 217 22.06 -10.87 -2.76
CA TYR A 217 22.10 -10.68 -4.20
C TYR A 217 20.87 -9.89 -4.70
N VAL A 218 21.11 -8.93 -5.58
CA VAL A 218 20.01 -8.20 -6.22
C VAL A 218 20.16 -8.36 -7.75
N PHE A 219 19.06 -8.77 -8.39
CA PHE A 219 19.06 -9.15 -9.79
C PHE A 219 18.16 -8.27 -10.66
N SER A 220 18.60 -7.99 -11.88
CA SER A 220 17.71 -7.44 -12.91
C SER A 220 18.18 -7.89 -14.30
N GLU A 221 17.43 -7.52 -15.33
CA GLU A 221 17.92 -7.72 -16.69
C GLU A 221 19.16 -6.85 -16.88
N GLU A 222 20.01 -7.24 -17.83
CA GLU A 222 21.32 -6.61 -17.99
C GLU A 222 21.28 -5.11 -18.20
N LYS A 223 20.29 -4.65 -18.96
CA LYS A 223 20.17 -3.24 -19.29
C LYS A 223 20.07 -2.32 -18.07
N TYR A 224 19.49 -2.81 -16.98
CA TYR A 224 19.25 -1.94 -15.83
C TYR A 224 20.04 -2.31 -14.58
N VAL A 225 21.08 -3.13 -14.75
CA VAL A 225 21.85 -3.60 -13.62
C VAL A 225 22.46 -2.43 -12.83
N SER A 226 22.73 -1.31 -13.51
CA SER A 226 23.27 -0.13 -12.83
C SER A 226 22.25 0.53 -11.88
N LYS A 227 21.00 0.07 -11.91
CA LYS A 227 19.95 0.68 -11.09
C LYS A 227 19.71 -0.09 -9.81
N LEU A 228 20.58 -1.05 -9.53
CA LEU A 228 20.35 -1.98 -8.41
C LEU A 228 20.95 -1.51 -7.08
N GLN A 229 21.77 -0.46 -7.10
CA GLN A 229 22.62 -0.15 -5.95
C GLN A 229 21.84 0.29 -4.71
N TRP A 230 20.81 1.10 -4.89
CA TRP A 230 20.04 1.63 -3.75
C TRP A 230 19.32 0.47 -3.03
N ALA A 231 18.71 -0.41 -3.81
CA ALA A 231 18.06 -1.63 -3.28
C ALA A 231 18.96 -2.43 -2.33
N LEU A 232 20.21 -2.62 -2.73
CA LEU A 232 21.16 -3.39 -1.93
C LEU A 232 21.47 -2.66 -0.61
N GLU A 233 21.62 -1.35 -0.69
CA GLU A 233 21.79 -0.53 0.51
C GLU A 233 20.56 -0.61 1.40
N CYS A 234 19.37 -0.62 0.80
CA CYS A 234 18.14 -0.68 1.60
C CYS A 234 18.02 -2.03 2.30
N LEU A 235 18.50 -3.07 1.64
CA LEU A 235 18.44 -4.40 2.25
C LEU A 235 19.34 -4.44 3.47
N LYS A 236 20.58 -3.95 3.34
CA LYS A 236 21.49 -3.86 4.48
C LYS A 236 20.82 -3.11 5.62
N LYS A 237 20.17 -2.01 5.29
CA LYS A 237 19.51 -1.16 6.29
C LYS A 237 18.41 -1.92 7.01
N SER A 238 17.65 -2.70 6.26
CA SER A 238 16.51 -3.42 6.81
C SER A 238 17.00 -4.46 7.80
N MET A 239 18.04 -5.20 7.40
CA MET A 239 18.61 -6.23 8.27
C MET A 239 19.12 -5.62 9.56
N ALA A 240 19.78 -4.48 9.46
CA ALA A 240 20.34 -3.83 10.64
C ALA A 240 19.22 -3.36 11.55
N PHE A 241 18.16 -2.83 10.97
CA PHE A 241 17.05 -2.31 11.77
C PHE A 241 16.35 -3.42 12.54
N ASP A 242 16.11 -4.56 11.90
CA ASP A 242 15.41 -5.65 12.59
C ASP A 242 16.29 -6.16 13.72
N GLU A 243 17.59 -6.11 13.51
CA GLU A 243 18.52 -6.48 14.56
C GLU A 243 18.50 -5.49 15.72
N ASP A 244 18.51 -4.21 15.38
CA ASP A 244 18.67 -3.16 16.38
C ASP A 244 17.38 -2.88 17.17
N TYR A 245 16.25 -2.83 16.48
CA TYR A 245 14.99 -2.57 17.16
C TYR A 245 14.43 -3.84 17.77
N PHE A 246 14.38 -4.91 16.99
CA PHE A 246 13.67 -6.12 17.41
C PHE A 246 14.58 -7.27 17.87
N GLY A 247 15.89 -7.16 17.65
CA GLY A 247 16.82 -8.21 18.04
C GLY A 247 16.76 -9.45 17.15
N LEU A 248 16.28 -9.26 15.92
CA LEU A 248 16.04 -10.36 14.99
C LEU A 248 17.10 -10.43 13.89
N GLU A 249 17.77 -11.57 13.80
CA GLU A 249 18.75 -11.80 12.74
C GLU A 249 18.13 -12.63 11.64
N TYR A 250 18.62 -12.43 10.42
CA TYR A 250 18.28 -13.29 9.30
C TYR A 250 18.82 -14.70 9.55
N ASP A 251 18.02 -15.72 9.26
CA ASP A 251 18.38 -17.10 9.60
C ASP A 251 18.97 -17.92 8.45
N LEU A 252 18.91 -17.40 7.23
CA LEU A 252 19.39 -18.18 6.08
C LEU A 252 20.74 -17.69 5.56
N SER A 253 21.34 -18.47 4.66
CA SER A 253 22.68 -18.20 4.15
C SER A 253 22.69 -17.11 3.09
N ARG A 254 21.56 -16.92 2.44
CA ARG A 254 21.50 -16.10 1.25
C ARG A 254 20.12 -15.48 1.13
N LEU A 255 20.07 -14.25 0.63
CA LEU A 255 18.82 -13.61 0.31
C LEU A 255 18.91 -13.01 -1.09
N ASN A 256 17.98 -13.41 -1.97
CA ASN A 256 17.93 -12.91 -3.33
C ASN A 256 16.74 -11.95 -3.53
N LEU A 257 17.00 -10.78 -4.14
CA LEU A 257 15.94 -9.88 -4.58
C LEU A 257 15.99 -9.84 -6.10
N VAL A 258 14.84 -9.94 -6.76
CA VAL A 258 14.77 -9.96 -8.23
C VAL A 258 13.75 -8.96 -8.77
N ALA A 259 14.17 -8.14 -9.74
CA ALA A 259 13.25 -7.18 -10.35
C ALA A 259 12.70 -7.71 -11.68
N VAL A 260 11.39 -7.67 -11.85
CA VAL A 260 10.76 -7.98 -13.13
C VAL A 260 9.83 -6.85 -13.57
N SER A 261 9.69 -6.70 -14.89
CA SER A 261 8.99 -5.58 -15.47
C SER A 261 7.48 -5.68 -15.39
N ASP A 262 6.98 -6.91 -15.40
CA ASP A 262 5.54 -7.16 -15.33
C ASP A 262 5.17 -7.77 -13.99
N PHE A 263 4.47 -6.99 -13.17
CA PHE A 263 4.15 -7.44 -11.82
C PHE A 263 2.89 -6.73 -11.33
N ASN A 264 1.97 -7.48 -10.73
CA ASN A 264 0.67 -6.92 -10.36
C ASN A 264 0.73 -5.94 -9.19
N VAL A 265 1.65 -6.19 -8.27
CA VAL A 265 1.75 -5.38 -7.07
C VAL A 265 3.16 -4.82 -6.91
N GLY A 266 3.55 -4.51 -5.69
CA GLY A 266 4.86 -3.94 -5.41
C GLY A 266 5.96 -4.99 -5.29
N ALA A 267 5.73 -6.00 -4.45
CA ALA A 267 6.67 -7.12 -4.34
C ALA A 267 6.10 -8.24 -3.51
N MET A 268 6.86 -9.33 -3.45
CA MET A 268 6.41 -10.56 -2.84
C MET A 268 7.54 -11.17 -2.03
N GLU A 269 7.22 -11.65 -0.82
CA GLU A 269 8.24 -12.09 0.14
C GLU A 269 8.65 -13.58 0.11
N ASN A 270 8.65 -14.21 -1.06
CA ASN A 270 9.03 -15.63 -1.15
C ASN A 270 10.34 -15.90 -0.42
N LYS A 271 10.35 -16.97 0.37
CA LYS A 271 11.46 -17.28 1.28
C LYS A 271 12.82 -17.31 0.57
N GLY A 272 13.71 -16.40 0.96
CA GLY A 272 15.02 -16.29 0.35
C GLY A 272 15.03 -15.79 -1.08
N LEU A 273 13.86 -15.52 -1.63
CA LEU A 273 13.72 -15.17 -3.04
C LEU A 273 12.63 -14.11 -3.25
N ASN A 274 12.88 -12.89 -2.79
CA ASN A 274 11.87 -11.85 -2.89
C ASN A 274 11.80 -11.32 -4.32
N ILE A 275 10.59 -11.22 -4.88
CA ILE A 275 10.45 -10.82 -6.27
C ILE A 275 9.71 -9.47 -6.32
N PHE A 276 10.24 -8.53 -7.10
CA PHE A 276 9.79 -7.15 -7.06
C PHE A 276 9.29 -6.65 -8.42
N ASN A 277 8.21 -5.88 -8.39
CA ASN A 277 7.96 -4.94 -9.47
C ASN A 277 9.26 -4.14 -9.67
N ALA A 278 9.76 -4.06 -10.91
CA ALA A 278 10.95 -3.25 -11.17
C ALA A 278 10.82 -1.84 -10.61
N ASN A 279 9.62 -1.25 -10.66
CA ASN A 279 9.49 0.14 -10.17
C ASN A 279 9.61 0.26 -8.65
N SER A 280 9.70 -0.87 -7.96
CA SER A 280 9.90 -0.84 -6.53
C SER A 280 11.26 -1.43 -6.12
N LEU A 281 12.16 -1.60 -7.09
CA LEU A 281 13.50 -2.11 -6.78
C LEU A 281 14.58 -1.29 -7.49
N LEU A 282 14.31 -0.84 -8.71
CA LEU A 282 15.33 -0.18 -9.52
C LEU A 282 15.22 1.34 -9.46
N ALA A 283 16.36 2.00 -9.27
CA ALA A 283 16.44 3.46 -9.44
C ALA A 283 17.85 3.90 -9.78
N SER A 284 17.96 5.06 -10.42
CA SER A 284 19.21 5.80 -10.49
C SER A 284 18.87 7.28 -10.49
N LYS A 285 19.79 8.12 -10.07
CA LYS A 285 19.46 9.53 -9.91
C LYS A 285 19.19 10.19 -11.25
N LYS A 286 19.79 9.66 -12.31
CA LYS A 286 19.54 10.21 -13.64
C LYS A 286 18.20 9.73 -14.20
N ASN A 287 17.75 8.55 -13.82
CA ASN A 287 16.56 7.97 -14.46
C ASN A 287 15.34 7.72 -13.57
N SER A 288 15.35 8.29 -12.37
CA SER A 288 14.23 8.10 -11.44
C SER A 288 13.77 9.40 -10.81
N ILE A 289 12.47 9.51 -10.54
CA ILE A 289 12.00 10.63 -9.74
C ILE A 289 12.31 10.34 -8.28
N ASP A 290 12.29 11.37 -7.46
CA ASP A 290 12.70 11.27 -6.05
C ASP A 290 11.91 10.19 -5.29
N PHE A 291 10.62 10.08 -5.58
CA PHE A 291 9.76 9.18 -4.83
C PHE A 291 10.21 7.72 -4.92
N SER A 292 10.91 7.36 -5.98
CA SER A 292 11.42 6.00 -6.11
C SER A 292 12.33 5.59 -4.96
N TYR A 293 13.04 6.55 -4.38
CA TYR A 293 13.99 6.21 -3.33
C TYR A 293 13.27 5.81 -2.01
N ALA A 294 12.23 6.53 -1.62
CA ALA A 294 11.41 6.10 -0.48
C ALA A 294 10.61 4.83 -0.79
N ARG A 295 10.13 4.72 -2.02
CA ARG A 295 9.38 3.52 -2.44
C ARG A 295 10.21 2.24 -2.31
N ILE A 296 11.42 2.25 -2.86
CA ILE A 296 12.32 1.10 -2.77
C ILE A 296 12.69 0.80 -1.32
N LEU A 297 13.01 1.84 -0.55
CA LEU A 297 13.31 1.67 0.87
C LEU A 297 12.15 0.94 1.57
N THR A 298 10.93 1.40 1.32
CA THR A 298 9.77 0.83 1.99
CA THR A 298 9.73 0.85 1.95
C THR A 298 9.49 -0.60 1.54
N VAL A 299 9.58 -0.87 0.24
CA VAL A 299 9.19 -2.18 -0.26
C VAL A 299 10.27 -3.24 0.03
N VAL A 300 11.54 -2.89 -0.14
CA VAL A 300 12.61 -3.79 0.27
C VAL A 300 12.49 -4.06 1.77
N GLY A 301 12.29 -3.00 2.56
CA GLY A 301 12.10 -3.17 3.98
C GLY A 301 10.92 -4.09 4.26
N HIS A 302 9.80 -3.81 3.62
CA HIS A 302 8.58 -4.59 3.82
C HIS A 302 8.80 -6.09 3.59
N GLU A 303 9.35 -6.46 2.43
CA GLU A 303 9.56 -7.89 2.16
C GLU A 303 10.56 -8.51 3.12
N TYR A 304 11.57 -7.74 3.54
CA TYR A 304 12.54 -8.27 4.52
C TYR A 304 11.88 -8.54 5.87
N PHE A 305 11.03 -7.63 6.35
CA PHE A 305 10.41 -7.81 7.66
C PHE A 305 9.41 -8.98 7.67
N HIS A 306 8.94 -9.38 6.48
CA HIS A 306 8.11 -10.58 6.37
C HIS A 306 8.83 -11.85 6.82
N GLN A 307 10.15 -11.87 6.71
CA GLN A 307 10.89 -13.12 6.98
C GLN A 307 10.56 -13.66 8.38
N TYR A 308 10.29 -12.74 9.31
CA TYR A 308 9.70 -13.12 10.60
C TYR A 308 8.17 -13.07 10.60
N THR A 309 7.61 -11.90 10.26
CA THR A 309 6.17 -11.72 10.35
C THR A 309 5.48 -12.08 9.03
N GLY A 310 5.29 -13.38 8.83
CA GLY A 310 4.72 -13.90 7.60
C GLY A 310 5.38 -15.23 7.22
N ASN A 311 6.71 -15.28 7.33
CA ASN A 311 7.47 -16.42 6.83
C ASN A 311 7.86 -17.41 7.95
N ARG A 312 8.46 -16.94 9.03
CA ARG A 312 8.77 -17.81 10.16
C ARG A 312 7.56 -18.00 11.09
N VAL A 313 6.79 -16.93 11.32
CA VAL A 313 5.45 -17.08 11.90
C VAL A 313 4.46 -16.92 10.76
N THR A 314 3.73 -17.97 10.43
CA THR A 314 2.85 -17.90 9.26
C THR A 314 1.35 -17.85 9.62
N LEU A 315 0.50 -17.78 8.60
CA LEU A 315 -0.95 -17.68 8.80
C LEU A 315 -1.66 -19.04 8.86
N ARG A 316 -2.64 -19.16 9.74
CA ARG A 316 -3.49 -20.34 9.75
C ARG A 316 -4.41 -20.43 8.53
N ASP A 317 -4.97 -19.30 8.16
CA ASP A 317 -5.93 -19.21 7.06
C ASP A 317 -5.84 -17.78 6.53
N TRP A 318 -6.43 -17.53 5.37
CA TRP A 318 -6.30 -16.19 4.78
C TRP A 318 -7.06 -15.10 5.53
N PHE A 319 -7.98 -15.48 6.41
CA PHE A 319 -8.72 -14.47 7.17
C PHE A 319 -7.80 -13.76 8.14
N GLN A 320 -6.65 -14.37 8.46
CA GLN A 320 -5.66 -13.74 9.34
C GLN A 320 -4.67 -12.85 8.59
N LEU A 321 -4.98 -12.52 7.34
CA LEU A 321 -4.04 -11.81 6.47
C LEU A 321 -3.44 -10.56 7.15
N THR A 322 -4.23 -9.83 7.93
CA THR A 322 -3.74 -8.58 8.51
C THR A 322 -2.68 -8.86 9.57
N LEU A 323 -2.71 -10.06 10.14
CA LEU A 323 -1.70 -10.46 11.12
C LEU A 323 -0.28 -10.46 10.52
N LYS A 324 -0.12 -10.81 9.24
CA LYS A 324 1.20 -10.64 8.64
C LYS A 324 1.32 -9.31 7.89
N GLU A 325 0.25 -8.84 7.25
CA GLU A 325 0.40 -7.63 6.44
C GLU A 325 0.33 -6.35 7.26
N GLY A 326 -0.64 -6.24 8.15
CA GLY A 326 -0.71 -5.05 9.01
C GLY A 326 0.53 -4.95 9.87
N LEU A 327 0.99 -6.09 10.39
CA LEU A 327 2.15 -6.11 11.28
C LEU A 327 3.42 -5.76 10.49
N THR A 328 3.51 -6.25 9.27
CA THR A 328 4.69 -5.97 8.45
C THR A 328 4.67 -4.51 7.95
N VAL A 329 3.50 -3.96 7.60
CA VAL A 329 3.45 -2.52 7.22
C VAL A 329 3.89 -1.68 8.42
N HIS A 330 3.42 -2.07 9.62
CA HIS A 330 3.82 -1.36 10.85
C HIS A 330 5.34 -1.42 11.03
N ARG A 331 5.92 -2.60 10.82
CA ARG A 331 7.38 -2.73 10.93
C ARG A 331 8.09 -1.90 9.87
N GLU A 332 7.54 -1.92 8.66
CA GLU A 332 8.08 -1.10 7.58
C GLU A 332 8.00 0.40 7.90
N ASN A 333 6.88 0.84 8.48
CA ASN A 333 6.77 2.26 8.84
C ASN A 333 7.75 2.67 9.93
N LEU A 334 7.96 1.83 10.94
CA LEU A 334 8.97 2.15 11.98
C LEU A 334 10.35 2.28 11.36
N PHE A 335 10.71 1.30 10.54
CA PHE A 335 11.94 1.31 9.78
C PHE A 335 12.11 2.61 8.98
N SER A 336 11.11 2.95 8.18
CA SER A 336 11.21 4.10 7.29
C SER A 336 11.32 5.42 8.06
N GLU A 337 10.52 5.55 9.12
CA GLU A 337 10.65 6.72 9.98
C GLU A 337 12.07 6.85 10.54
N GLU A 338 12.65 5.74 10.98
CA GLU A 338 14.00 5.80 11.53
C GLU A 338 15.06 6.12 10.45
N MET A 339 14.85 5.62 9.23
CA MET A 339 15.81 5.80 8.14
C MET A 339 15.78 7.19 7.52
N THR A 340 14.57 7.73 7.35
CA THR A 340 14.44 9.02 6.70
C THR A 340 14.67 10.18 7.65
N LYS A 341 14.31 9.99 8.92
CA LYS A 341 14.43 11.03 9.93
C LYS A 341 13.70 12.32 9.54
N THR A 342 12.64 12.20 8.74
CA THR A 342 11.80 13.35 8.41
C THR A 342 10.40 13.13 8.98
N VAL A 343 9.74 14.20 9.45
CA VAL A 343 8.38 14.06 9.98
C VAL A 343 7.38 13.78 8.85
N THR A 344 7.74 14.08 7.61
CA THR A 344 6.81 13.87 6.51
C THR A 344 6.57 12.39 6.24
N THR A 345 7.44 11.53 6.74
CA THR A 345 7.24 10.09 6.52
C THR A 345 5.99 9.61 7.27
N ARG A 346 5.88 9.94 8.55
CA ARG A 346 4.66 9.60 9.28
C ARG A 346 3.48 10.35 8.68
N LEU A 347 3.65 11.64 8.36
CA LEU A 347 2.55 12.39 7.76
C LEU A 347 2.03 11.76 6.46
N SER A 348 2.93 11.25 5.63
CA SER A 348 2.52 10.67 4.36
C SER A 348 1.66 9.41 4.56
N HIS A 349 1.95 8.64 5.61
CA HIS A 349 1.12 7.45 5.87
CA HIS A 349 1.15 7.45 5.94
C HIS A 349 -0.26 7.82 6.41
N VAL A 350 -0.34 8.83 7.25
CA VAL A 350 -1.61 9.31 7.76
C VAL A 350 -2.42 9.90 6.59
N ASP A 351 -1.73 10.64 5.73
CA ASP A 351 -2.37 11.28 4.58
C ASP A 351 -3.01 10.22 3.64
N LEU A 352 -2.30 9.12 3.46
CA LEU A 352 -2.79 7.99 2.70
C LEU A 352 -4.00 7.32 3.35
N LEU A 353 -3.88 6.99 4.63
CA LEU A 353 -4.98 6.35 5.35
C LEU A 353 -6.28 7.19 5.32
N ARG A 354 -6.16 8.48 5.64
CA ARG A 354 -7.36 9.31 5.85
C ARG A 354 -8.04 9.70 4.55
N SER A 355 -7.30 9.58 3.45
CA SER A 355 -7.92 9.76 2.14
C SER A 355 -8.43 8.42 1.61
N VAL A 356 -7.52 7.56 1.16
CA VAL A 356 -7.88 6.31 0.50
C VAL A 356 -8.57 5.26 1.40
N GLN A 357 -8.02 5.03 2.59
CA GLN A 357 -8.60 3.98 3.45
C GLN A 357 -9.91 4.44 4.11
N PHE A 358 -9.99 5.72 4.50
CA PHE A 358 -11.26 6.22 5.05
C PHE A 358 -12.35 6.18 3.98
N LEU A 359 -12.01 6.51 2.73
CA LEU A 359 -12.98 6.38 1.65
C LEU A 359 -13.49 4.94 1.56
N GLU A 360 -12.56 3.99 1.53
CA GLU A 360 -12.95 2.59 1.46
C GLU A 360 -13.85 2.21 2.62
N ASP A 361 -13.50 2.68 3.83
CA ASP A 361 -14.19 2.25 5.03
C ASP A 361 -15.59 2.86 5.15
N SER A 362 -15.88 3.89 4.36
CA SER A 362 -17.25 4.43 4.35
C SER A 362 -17.99 4.09 3.04
N SER A 363 -17.36 3.28 2.19
CA SER A 363 -17.96 2.84 0.91
C SER A 363 -18.72 1.54 1.12
N PRO A 364 -19.45 1.06 0.08
CA PRO A 364 -20.09 -0.25 0.24
C PRO A 364 -19.08 -1.41 0.32
N LEU A 365 -17.80 -1.13 0.04
CA LEU A 365 -16.74 -2.15 0.14
C LEU A 365 -16.21 -2.30 1.55
N SER A 366 -16.69 -1.44 2.46
CA SER A 366 -16.18 -1.41 3.86
C SER A 366 -16.11 -2.80 4.49
N HIS A 367 -14.99 -3.12 5.12
CA HIS A 367 -14.83 -4.39 5.80
C HIS A 367 -13.92 -4.19 7.00
N PRO A 368 -14.00 -5.09 8.01
CA PRO A 368 -13.01 -4.99 9.09
C PRO A 368 -11.68 -5.53 8.61
N ILE A 369 -10.61 -5.30 9.36
CA ILE A 369 -9.29 -5.71 8.92
C ILE A 369 -9.18 -7.23 8.97
N ARG A 370 -10.08 -7.88 9.70
CA ARG A 370 -10.24 -9.33 9.61
C ARG A 370 -11.66 -9.65 9.16
N PRO A 371 -11.84 -9.82 7.85
CA PRO A 371 -13.18 -10.09 7.29
C PRO A 371 -13.78 -11.38 7.82
N GLU A 372 -15.10 -11.47 7.78
CA GLU A 372 -15.81 -12.65 8.21
C GLU A 372 -16.04 -13.64 7.07
N SER A 373 -15.88 -13.17 5.85
CA SER A 373 -16.13 -14.01 4.68
C SER A 373 -15.47 -13.42 3.45
N TYR A 374 -15.23 -14.27 2.46
CA TYR A 374 -14.81 -13.80 1.13
C TYR A 374 -15.27 -14.74 0.02
N VAL A 375 -15.31 -14.20 -1.20
CA VAL A 375 -15.52 -15.00 -2.40
C VAL A 375 -14.20 -15.11 -3.14
N SER A 376 -13.59 -13.95 -3.37
CA SER A 376 -12.32 -13.85 -4.09
C SER A 376 -11.26 -13.28 -3.16
N MET A 377 -10.29 -14.11 -2.77
CA MET A 377 -9.27 -13.66 -1.81
C MET A 377 -8.44 -12.51 -2.35
N GLU A 378 -8.31 -12.45 -3.66
CA GLU A 378 -7.55 -11.38 -4.30
CA GLU A 378 -7.57 -11.37 -4.32
C GLU A 378 -8.17 -10.00 -3.97
N ASN A 379 -9.46 -9.99 -3.69
CA ASN A 379 -10.12 -8.73 -3.38
C ASN A 379 -9.98 -8.32 -1.90
N PHE A 380 -9.25 -9.12 -1.11
CA PHE A 380 -9.06 -8.81 0.32
C PHE A 380 -7.70 -8.17 0.64
N TYR A 381 -6.84 -8.02 -0.37
CA TYR A 381 -5.57 -7.32 -0.16
C TYR A 381 -5.78 -5.81 -0.30
N THR A 382 -6.28 -5.20 0.78
CA THR A 382 -6.82 -3.87 0.68
C THR A 382 -6.06 -2.89 1.56
N THR A 383 -6.25 -1.59 1.29
CA THR A 383 -5.72 -0.58 2.18
C THR A 383 -6.29 -0.73 3.60
N THR A 384 -7.51 -1.24 3.72
CA THR A 384 -8.03 -1.56 5.06
C THR A 384 -7.17 -2.61 5.77
N VAL A 385 -7.00 -3.77 5.14
CA VAL A 385 -6.23 -4.85 5.74
C VAL A 385 -4.75 -4.44 5.99
N TYR A 386 -4.17 -3.73 5.04
CA TYR A 386 -2.78 -3.29 5.13
C TYR A 386 -2.57 -2.06 6.04
N ASP A 387 -3.24 -0.96 5.72
CA ASP A 387 -2.89 0.32 6.36
C ASP A 387 -3.67 0.58 7.64
N LYS A 388 -4.98 0.30 7.64
CA LYS A 388 -5.69 0.34 8.91
C LYS A 388 -5.09 -0.77 9.80
N GLY A 389 -4.87 -1.94 9.21
CA GLY A 389 -4.16 -3.01 9.91
C GLY A 389 -2.88 -2.51 10.58
N SER A 390 -2.09 -1.76 9.83
CA SER A 390 -0.82 -1.26 10.37
CA SER A 390 -0.84 -1.24 10.35
C SER A 390 -1.06 -0.31 11.54
N GLU A 391 -2.10 0.53 11.43
CA GLU A 391 -2.42 1.45 12.52
C GLU A 391 -2.89 0.71 13.77
N VAL A 392 -3.63 -0.38 13.58
CA VAL A 392 -4.07 -1.20 14.70
C VAL A 392 -2.85 -1.87 15.33
N MET A 393 -1.90 -2.30 14.50
CA MET A 393 -0.69 -2.88 15.05
C MET A 393 0.14 -1.80 15.78
N ARG A 394 0.15 -0.58 15.24
CA ARG A 394 0.91 0.52 15.84
C ARG A 394 0.32 0.98 17.18
N MET A 395 -1.01 0.88 17.33
CA MET A 395 -1.64 1.28 18.59
C MET A 395 -1.12 0.42 19.77
N TYR A 396 -0.79 -0.85 19.54
CA TYR A 396 -0.19 -1.64 20.62
C TYR A 396 1.09 -1.00 21.16
N LEU A 397 1.90 -0.47 20.26
CA LEU A 397 3.15 0.19 20.65
C LEU A 397 2.86 1.50 21.42
N THR A 398 1.90 2.27 20.94
CA THR A 398 1.46 3.50 21.62
C THR A 398 0.95 3.20 23.03
N ILE A 399 0.10 2.18 23.16
CA ILE A 399 -0.47 1.82 24.45
C ILE A 399 0.60 1.30 25.43
N LEU A 400 1.53 0.50 24.92
CA LEU A 400 2.49 -0.19 25.78
C LEU A 400 3.80 0.59 25.99
N GLY A 401 4.13 1.47 25.07
CA GLY A 401 5.45 2.09 25.09
C GLY A 401 6.48 1.12 24.53
N GLU A 402 7.66 1.63 24.20
CA GLU A 402 8.67 0.87 23.46
C GLU A 402 9.15 -0.39 24.19
N GLU A 403 9.42 -0.27 25.49
CA GLU A 403 9.98 -1.38 26.25
C GLU A 403 9.03 -2.58 26.34
N TYR A 404 7.79 -2.33 26.74
CA TYR A 404 6.81 -3.41 26.89
C TYR A 404 6.27 -3.85 25.53
N TYR A 405 6.28 -2.97 24.54
CA TYR A 405 5.91 -3.42 23.20
C TYR A 405 6.94 -4.47 22.72
N LYS A 406 8.22 -4.15 22.89
CA LYS A 406 9.27 -5.09 22.50
C LYS A 406 9.19 -6.39 23.29
N LYS A 407 8.77 -6.32 24.54
CA LYS A 407 8.60 -7.53 25.36
C LYS A 407 7.45 -8.36 24.82
N GLY A 408 6.34 -7.69 24.48
CA GLY A 408 5.19 -8.36 23.91
C GLY A 408 5.46 -8.98 22.55
N PHE A 409 6.20 -8.26 21.71
CA PHE A 409 6.52 -8.73 20.37
C PHE A 409 7.38 -9.99 20.47
N ASP A 410 8.33 -9.96 21.39
CA ASP A 410 9.22 -11.10 21.60
C ASP A 410 8.44 -12.34 22.04
N ILE A 411 7.47 -12.14 22.94
CA ILE A 411 6.59 -13.23 23.36
C ILE A 411 5.89 -13.83 22.15
N TYR A 412 5.36 -12.97 21.29
CA TYR A 412 4.69 -13.44 20.09
C TYR A 412 5.62 -14.28 19.22
N ILE A 413 6.81 -13.73 18.92
CA ILE A 413 7.76 -14.43 18.06
C ILE A 413 8.26 -15.72 18.72
N LYS A 414 8.58 -15.64 20.01
CA LYS A 414 9.14 -16.81 20.69
C LYS A 414 8.11 -17.92 20.82
N LYS A 415 6.84 -17.56 20.99
CA LYS A 415 5.81 -18.58 21.21
C LYS A 415 5.16 -19.09 19.91
N ASN A 416 5.48 -18.49 18.78
CA ASN A 416 4.81 -18.86 17.52
C ASN A 416 5.78 -19.12 16.37
N ASP A 417 7.07 -18.93 16.62
CA ASP A 417 8.08 -19.14 15.60
C ASP A 417 7.99 -20.57 15.08
N GLY A 418 7.92 -20.72 13.76
CA GLY A 418 7.84 -22.02 13.13
C GLY A 418 6.45 -22.63 13.07
N ASN A 419 5.43 -21.84 13.37
CA ASN A 419 4.06 -22.36 13.30
CA ASN A 419 4.05 -22.32 13.40
C ASN A 419 3.07 -21.32 12.77
N THR A 420 1.84 -21.77 12.53
CA THR A 420 0.78 -20.90 12.06
C THR A 420 0.26 -20.11 13.24
N ALA A 421 -0.38 -18.98 12.98
CA ALA A 421 -0.96 -18.18 14.05
C ALA A 421 -2.21 -17.42 13.60
N THR A 422 -2.93 -16.86 14.57
CA THR A 422 -4.13 -16.06 14.33
C THR A 422 -4.01 -14.70 15.03
N CYS A 423 -4.89 -13.76 14.69
CA CYS A 423 -4.83 -12.43 15.29
C CYS A 423 -4.92 -12.51 16.83
N GLU A 424 -5.70 -13.47 17.32
CA GLU A 424 -5.84 -13.66 18.76
C GLU A 424 -4.51 -13.97 19.44
N ASP A 425 -3.67 -14.75 18.76
CA ASP A 425 -2.35 -15.06 19.27
C ASP A 425 -1.56 -13.77 19.51
N PHE A 426 -1.62 -12.85 18.56
CA PHE A 426 -0.87 -11.62 18.71
C PHE A 426 -1.45 -10.77 19.83
N ASN A 427 -2.77 -10.72 19.92
CA ASN A 427 -3.40 -9.93 20.97
C ASN A 427 -3.03 -10.53 22.32
N TYR A 428 -2.96 -11.86 22.37
CA TYR A 428 -2.60 -12.55 23.61
C TYR A 428 -1.22 -12.11 24.09
N ALA A 429 -0.26 -12.12 23.17
CA ALA A 429 1.11 -11.75 23.49
C ALA A 429 1.21 -10.31 23.97
N MET A 430 0.44 -9.41 23.35
CA MET A 430 0.43 -8.01 23.75
C MET A 430 -0.24 -7.89 25.11
N GLU A 431 -1.27 -8.72 25.33
CA GLU A 431 -1.98 -8.68 26.60
C GLU A 431 -1.06 -9.07 27.76
N GLN A 432 -0.13 -9.98 27.53
CA GLN A 432 0.82 -10.37 28.57
C GLN A 432 1.67 -9.17 28.95
N ALA A 433 2.11 -8.43 27.94
CA ALA A 433 2.85 -7.20 28.15
C ALA A 433 2.00 -6.16 28.89
N TYR A 434 0.72 -6.12 28.56
CA TYR A 434 -0.18 -5.13 29.15
C TYR A 434 -0.29 -5.41 30.65
N LYS A 435 -0.41 -6.69 31.02
CA LYS A 435 -0.45 -7.09 32.42
C LYS A 435 0.81 -6.63 33.15
N MET A 436 1.95 -6.89 32.54
CA MET A 436 3.25 -6.55 33.11
C MET A 436 3.40 -5.06 33.33
N LYS A 437 2.96 -4.27 32.34
CA LYS A 437 3.03 -2.82 32.42
C LYS A 437 2.05 -2.23 33.45
N LYS A 438 0.82 -2.71 33.47
CA LYS A 438 -0.18 -2.24 34.43
C LYS A 438 0.11 -2.77 35.83
N ALA A 439 0.99 -3.77 35.89
CA ALA A 439 1.32 -4.46 37.13
C ALA A 439 0.08 -4.99 37.85
N ASP A 440 -0.78 -5.68 37.12
CA ASP A 440 -1.76 -6.57 37.74
C ASP A 440 -2.29 -7.56 36.72
N ASN A 441 -2.23 -8.85 37.07
CA ASN A 441 -2.64 -9.94 36.17
C ASN A 441 -4.11 -9.84 35.77
N SER A 442 -4.82 -8.92 36.40
CA SER A 442 -6.23 -8.68 36.13
C SER A 442 -6.51 -7.93 34.82
N ALA A 443 -5.53 -7.16 34.35
CA ALA A 443 -5.71 -6.35 33.14
C ALA A 443 -5.85 -7.23 31.89
N ASN A 444 -6.70 -6.80 30.96
CA ASN A 444 -6.87 -7.56 29.72
C ASN A 444 -7.13 -6.68 28.52
N LEU A 445 -7.00 -7.28 27.35
CA LEU A 445 -7.16 -6.58 26.09
C LEU A 445 -8.28 -7.20 25.26
N ASN A 446 -9.26 -7.80 25.91
CA ASN A 446 -10.37 -8.43 25.19
CA ASN A 446 -10.37 -8.43 25.19
C ASN A 446 -11.11 -7.42 24.32
N GLN A 447 -11.31 -6.21 24.84
CA GLN A 447 -11.98 -5.15 24.06
C GLN A 447 -11.17 -4.80 22.82
N TYR A 448 -9.85 -4.91 22.92
CA TYR A 448 -9.02 -4.55 21.79
C TYR A 448 -9.35 -5.36 20.53
N LEU A 449 -9.84 -6.59 20.70
CA LEU A 449 -10.17 -7.47 19.58
C LEU A 449 -11.20 -6.87 18.63
N LEU A 450 -12.01 -5.93 19.14
CA LEU A 450 -13.01 -5.29 18.29
C LEU A 450 -12.38 -4.53 17.13
N TRP A 451 -11.13 -4.11 17.30
CA TRP A 451 -10.38 -3.45 16.24
C TRP A 451 -10.23 -4.36 15.02
N PHE A 452 -10.24 -5.68 15.26
CA PHE A 452 -10.11 -6.66 14.19
C PHE A 452 -11.45 -7.00 13.55
N SER A 453 -12.53 -6.91 14.32
CA SER A 453 -13.83 -7.40 13.86
C SER A 453 -14.80 -6.31 13.42
N GLN A 454 -14.58 -5.08 13.85
CA GLN A 454 -15.54 -4.02 13.58
C GLN A 454 -15.10 -3.12 12.43
N SER A 455 -15.95 -2.99 11.43
CA SER A 455 -15.64 -2.15 10.27
C SER A 455 -16.02 -0.71 10.55
N GLY A 456 -15.58 0.19 9.69
CA GLY A 456 -15.93 1.59 9.78
C GLY A 456 -14.94 2.39 10.60
N THR A 457 -14.91 3.70 10.38
CA THR A 457 -13.99 4.60 11.04
C THR A 457 -14.66 5.23 12.25
N PRO A 458 -14.07 5.06 13.44
CA PRO A 458 -14.68 5.73 14.59
C PRO A 458 -14.56 7.25 14.48
N HIS A 459 -15.58 7.96 14.97
CA HIS A 459 -15.54 9.41 15.14
C HIS A 459 -15.28 9.78 16.59
N VAL A 460 -14.30 10.64 16.83
CA VAL A 460 -14.01 11.03 18.20
C VAL A 460 -14.16 12.55 18.37
N SER A 461 -14.99 12.95 19.32
CA SER A 461 -15.24 14.38 19.51
C SER A 461 -14.96 14.82 20.93
N PHE A 462 -14.76 16.13 21.10
CA PHE A 462 -14.31 16.69 22.37
C PHE A 462 -15.09 17.91 22.82
N LYS A 463 -15.19 18.06 24.13
CA LYS A 463 -15.62 19.31 24.74
C LYS A 463 -14.71 19.59 25.95
N TYR A 464 -14.45 20.87 26.19
CA TYR A 464 -13.47 21.23 27.19
C TYR A 464 -14.05 22.12 28.26
N ASN A 465 -13.44 22.05 29.43
CA ASN A 465 -13.79 22.97 30.50
CA ASN A 465 -13.80 22.96 30.50
C ASN A 465 -12.57 23.29 31.35
N TYR A 466 -12.43 24.57 31.70
CA TYR A 466 -11.34 25.02 32.54
C TYR A 466 -11.85 25.87 33.68
N ASP A 467 -11.51 25.47 34.90
CA ASP A 467 -11.80 26.33 36.05
C ASP A 467 -10.56 27.06 36.56
N ALA A 468 -10.52 28.36 36.28
CA ALA A 468 -9.36 29.18 36.58
C ALA A 468 -9.05 29.21 38.08
N GLU A 469 -10.09 29.23 38.91
CA GLU A 469 -9.89 29.28 40.36
C GLU A 469 -9.32 27.96 40.88
N LYS A 470 -9.75 26.85 40.31
CA LYS A 470 -9.25 25.55 40.77
C LYS A 470 -8.03 25.06 40.00
N LYS A 471 -7.65 25.79 38.96
CA LYS A 471 -6.56 25.37 38.08
C LYS A 471 -6.84 23.97 37.53
N GLN A 472 -8.10 23.71 37.23
CA GLN A 472 -8.54 22.36 36.86
C GLN A 472 -9.02 22.32 35.42
N TYR A 473 -8.49 21.40 34.64
CA TYR A 473 -8.83 21.28 33.22
C TYR A 473 -9.50 19.96 32.94
N SER A 474 -10.54 19.97 32.10
CA SER A 474 -11.25 18.76 31.73
C SER A 474 -11.37 18.58 30.22
N ILE A 475 -11.12 17.35 29.76
CA ILE A 475 -11.33 16.98 28.37
C ILE A 475 -12.43 15.92 28.34
N HIS A 476 -13.62 16.30 27.89
CA HIS A 476 -14.71 15.35 27.77
CA HIS A 476 -14.68 15.30 27.76
C HIS A 476 -14.65 14.71 26.37
N VAL A 477 -14.57 13.38 26.32
CA VAL A 477 -14.37 12.70 25.03
C VAL A 477 -15.52 11.76 24.70
N ASN A 478 -15.95 11.79 23.44
CA ASN A 478 -17.01 10.91 22.97
C ASN A 478 -16.53 10.13 21.74
N GLN A 479 -16.87 8.84 21.65
CA GLN A 479 -16.58 8.06 20.44
C GLN A 479 -17.86 7.45 19.84
N TYR A 480 -17.84 7.29 18.53
CA TYR A 480 -19.00 6.82 17.79
C TYR A 480 -18.59 6.22 16.44
N THR A 481 -19.06 5.01 16.13
CA THR A 481 -18.87 4.47 14.78
C THR A 481 -20.24 4.31 14.13
N LYS A 482 -20.40 4.81 12.90
CA LYS A 482 -21.68 4.71 12.21
C LYS A 482 -22.00 3.26 11.90
N PRO A 483 -23.24 2.84 12.13
CA PRO A 483 -23.64 1.48 11.73
C PRO A 483 -23.49 1.27 10.21
N ASP A 484 -23.21 0.05 9.79
CA ASP A 484 -23.07 -0.24 8.36
C ASP A 484 -23.59 -1.65 8.09
N GLU A 485 -23.22 -2.24 6.95
CA GLU A 485 -23.77 -3.53 6.59
C GLU A 485 -23.10 -4.68 7.35
N ASN A 486 -22.03 -4.38 8.08
CA ASN A 486 -21.29 -5.41 8.80
C ASN A 486 -21.74 -5.58 10.24
N GLN A 487 -21.92 -4.46 10.96
CA GLN A 487 -22.54 -4.48 12.29
C GLN A 487 -23.67 -3.47 12.39
N LYS A 488 -24.85 -3.96 12.77
CA LYS A 488 -26.02 -3.11 13.02
C LYS A 488 -25.81 -2.21 14.23
N GLU A 489 -25.15 -2.75 15.24
CA GLU A 489 -24.79 -1.98 16.42
C GLU A 489 -23.27 -1.98 16.58
N LYS A 490 -22.69 -0.81 16.81
CA LYS A 490 -21.23 -0.72 16.92
C LYS A 490 -20.88 -0.59 18.40
N LYS A 491 -19.76 -1.18 18.80
CA LYS A 491 -19.36 -1.14 20.20
C LYS A 491 -18.24 -0.13 20.40
N PRO A 492 -18.11 0.43 21.61
CA PRO A 492 -16.98 1.32 21.87
C PRO A 492 -15.64 0.57 21.76
N LEU A 493 -14.64 1.19 21.14
CA LEU A 493 -13.32 0.60 20.98
C LEU A 493 -12.36 1.06 22.09
N PHE A 494 -11.26 0.33 22.24
CA PHE A 494 -10.15 0.79 23.05
C PHE A 494 -9.36 1.82 22.24
N ILE A 495 -9.55 3.10 22.54
CA ILE A 495 -8.89 4.16 21.77
C ILE A 495 -7.82 4.88 22.59
N PRO A 496 -6.54 4.74 22.17
CA PRO A 496 -5.46 5.44 22.85
C PRO A 496 -5.29 6.86 22.31
N ILE A 497 -5.43 7.86 23.18
CA ILE A 497 -5.36 9.25 22.73
C ILE A 497 -4.12 9.91 23.32
N SER A 498 -3.07 10.01 22.50
CA SER A 498 -1.85 10.68 22.95
CA SER A 498 -1.85 10.68 22.93
C SER A 498 -2.11 12.17 22.99
N VAL A 499 -1.89 12.79 24.14
CA VAL A 499 -2.21 14.22 24.28
C VAL A 499 -1.10 15.04 24.94
N GLY A 500 -1.05 16.32 24.61
CA GLY A 500 -0.29 17.30 25.36
C GLY A 500 -1.22 18.48 25.65
N LEU A 501 -0.75 19.43 26.44
CA LEU A 501 -1.50 20.64 26.73
C LEU A 501 -0.56 21.78 26.50
N ILE A 502 -0.90 22.66 25.57
CA ILE A 502 -0.03 23.75 25.20
C ILE A 502 -0.47 25.03 25.90
N ASN A 503 0.49 25.70 26.53
CA ASN A 503 0.24 27.01 27.13
C ASN A 503 0.19 28.03 26.01
N PRO A 504 -0.99 28.62 25.79
CA PRO A 504 -1.16 29.54 24.66
C PRO A 504 -0.36 30.84 24.79
N GLU A 505 0.10 31.17 26.00
CA GLU A 505 0.88 32.39 26.20
C GLU A 505 2.36 32.26 25.81
N ASN A 506 2.96 31.08 25.98
CA ASN A 506 4.37 30.90 25.65
C ASN A 506 4.66 29.69 24.76
N GLY A 507 3.62 28.97 24.36
CA GLY A 507 3.76 27.79 23.52
C GLY A 507 4.38 26.56 24.14
N LYS A 508 4.57 26.56 25.46
CA LYS A 508 5.25 25.44 26.11
C LYS A 508 4.33 24.29 26.53
N GLU A 509 4.91 23.10 26.66
CA GLU A 509 4.23 21.93 27.21
C GLU A 509 3.85 22.16 28.67
N MET A 510 2.62 21.78 29.04
CA MET A 510 2.17 21.98 30.40
C MET A 510 2.15 20.68 31.18
N ILE A 511 2.10 19.55 30.48
CA ILE A 511 2.14 18.25 31.14
C ILE A 511 3.08 17.31 30.42
N SER A 512 3.51 16.27 31.11
CA SER A 512 4.31 15.23 30.47
C SER A 512 3.49 14.42 29.47
N GLN A 513 4.20 13.67 28.65
CA GLN A 513 3.62 12.72 27.71
C GLN A 513 2.50 11.94 28.38
N THR A 514 1.35 11.91 27.73
CA THR A 514 0.17 11.30 28.31
C THR A 514 -0.64 10.62 27.23
N THR A 515 -0.98 9.34 27.45
CA THR A 515 -1.88 8.63 26.56
C THR A 515 -3.17 8.32 27.30
N LEU A 516 -4.25 9.00 26.94
CA LEU A 516 -5.55 8.72 27.54
C LEU A 516 -6.11 7.43 26.96
N GLU A 517 -6.57 6.54 27.83
CA GLU A 517 -7.18 5.29 27.38
C GLU A 517 -8.70 5.38 27.41
N LEU A 518 -9.28 5.68 26.26
CA LEU A 518 -10.73 5.75 26.13
C LEU A 518 -11.29 4.37 25.84
N THR A 519 -12.08 3.83 26.74
CA THR A 519 -12.59 2.47 26.57
C THR A 519 -14.11 2.45 26.60
N LYS A 520 -14.68 3.60 26.91
CA LYS A 520 -16.12 3.73 26.97
C LYS A 520 -16.64 4.56 25.81
N GLU A 521 -17.97 4.64 25.70
CA GLU A 521 -18.60 5.47 24.69
C GLU A 521 -18.21 6.92 24.94
N SER A 522 -18.08 7.27 26.21
CA SER A 522 -17.64 8.62 26.54
C SER A 522 -16.90 8.61 27.85
N ASP A 523 -16.01 9.57 28.04
CA ASP A 523 -15.31 9.70 29.30
C ASP A 523 -14.89 11.14 29.52
N THR A 524 -14.61 11.49 30.77
CA THR A 524 -14.09 12.80 31.08
C THR A 524 -12.76 12.68 31.80
N PHE A 525 -11.72 13.27 31.20
CA PHE A 525 -10.37 13.23 31.75
C PHE A 525 -10.02 14.58 32.37
N VAL A 526 -9.72 14.56 33.67
CA VAL A 526 -9.49 15.79 34.43
C VAL A 526 -8.01 15.97 34.76
N PHE A 527 -7.54 17.20 34.69
CA PHE A 527 -6.13 17.49 34.95
C PHE A 527 -6.05 18.58 35.98
N ASN A 528 -5.37 18.28 37.09
CA ASN A 528 -5.20 19.26 38.16
C ASN A 528 -3.93 20.08 37.97
N ASN A 529 -3.83 21.18 38.73
CA ASN A 529 -2.63 22.02 38.70
C ASN A 529 -2.29 22.43 37.27
N ILE A 530 -3.28 22.97 36.59
CA ILE A 530 -3.13 23.52 35.25
C ILE A 530 -3.23 25.03 35.36
N ALA A 531 -2.10 25.71 35.25
CA ALA A 531 -2.00 27.10 35.69
C ALA A 531 -2.84 28.05 34.86
N VAL A 532 -3.08 27.69 33.61
CA VAL A 532 -3.77 28.57 32.69
C VAL A 532 -4.54 27.70 31.72
N LYS A 533 -5.57 28.23 31.08
CA LYS A 533 -6.38 27.45 30.14
C LYS A 533 -5.52 27.02 28.94
N PRO A 534 -5.42 25.71 28.72
CA PRO A 534 -4.53 25.27 27.65
C PRO A 534 -5.22 25.16 26.30
N ILE A 535 -4.43 24.99 25.25
CA ILE A 535 -4.96 24.46 24.00
C ILE A 535 -4.53 23.01 23.93
N PRO A 536 -5.51 22.11 23.80
CA PRO A 536 -5.18 20.68 23.80
C PRO A 536 -4.54 20.23 22.48
N SER A 537 -3.51 19.41 22.61
CA SER A 537 -2.81 18.81 21.46
C SER A 537 -3.23 17.35 21.37
N LEU A 538 -4.18 17.06 20.50
CA LEU A 538 -4.91 15.78 20.56
C LEU A 538 -4.55 14.78 19.47
N PHE A 539 -4.45 13.51 19.88
CA PHE A 539 -4.04 12.41 19.02
C PHE A 539 -2.68 12.63 18.40
N ARG A 540 -1.72 13.07 19.22
CA ARG A 540 -0.36 13.27 18.77
C ARG A 540 0.17 12.04 18.04
N GLY A 541 0.84 12.29 16.91
CA GLY A 541 1.39 11.23 16.09
C GLY A 541 0.31 10.46 15.35
N PHE A 542 -0.93 10.98 15.42
CA PHE A 542 -2.16 10.31 14.95
C PHE A 542 -2.33 8.96 15.64
N SER A 543 -2.64 9.03 16.94
CA SER A 543 -2.47 7.86 17.81
C SER A 543 -3.59 6.83 17.68
N ALA A 544 -4.61 7.12 16.88
CA ALA A 544 -5.67 6.15 16.60
C ALA A 544 -6.26 6.45 15.23
N PRO A 545 -6.66 5.39 14.48
CA PRO A 545 -7.17 5.63 13.13
C PRO A 545 -8.63 6.06 13.17
N VAL A 546 -8.87 7.35 13.41
CA VAL A 546 -10.23 7.84 13.65
C VAL A 546 -10.42 9.19 12.96
N TYR A 547 -11.69 9.57 12.82
CA TYR A 547 -12.07 10.94 12.48
C TYR A 547 -11.95 11.79 13.75
N ILE A 548 -11.07 12.78 13.72
CA ILE A 548 -10.85 13.63 14.89
C ILE A 548 -11.69 14.89 14.75
N GLU A 549 -12.55 15.14 15.72
CA GLU A 549 -13.31 16.39 15.75
C GLU A 549 -12.86 17.22 16.96
N ASP A 550 -11.91 18.12 16.74
CA ASP A 550 -11.19 18.75 17.86
C ASP A 550 -12.00 19.88 18.51
N GLN A 551 -13.05 20.34 17.84
CA GLN A 551 -13.90 21.42 18.37
C GLN A 551 -13.10 22.63 18.83
N LEU A 552 -11.96 22.86 18.18
CA LEU A 552 -11.15 24.04 18.44
C LEU A 552 -11.52 25.16 17.50
N THR A 553 -11.33 26.40 17.94
CA THR A 553 -11.47 27.56 17.05
C THR A 553 -10.30 27.64 16.09
N ASP A 554 -10.44 28.43 15.04
CA ASP A 554 -9.35 28.56 14.08
C ASP A 554 -8.17 29.28 14.72
N GLU A 555 -8.47 30.20 15.66
CA GLU A 555 -7.41 30.83 16.43
C GLU A 555 -6.58 29.82 17.22
N GLU A 556 -7.25 28.89 17.90
CA GLU A 556 -6.56 27.84 18.65
C GLU A 556 -5.76 26.94 17.71
N ARG A 557 -6.38 26.57 16.59
CA ARG A 557 -5.69 25.72 15.62
C ARG A 557 -4.46 26.41 15.05
N ILE A 558 -4.58 27.72 14.80
CA ILE A 558 -3.44 28.48 14.30
C ILE A 558 -2.30 28.44 15.31
N LEU A 559 -2.65 28.58 16.60
CA LEU A 559 -1.63 28.58 17.65
C LEU A 559 -0.90 27.23 17.72
N LEU A 560 -1.65 26.15 17.53
CA LEU A 560 -1.03 24.81 17.51
C LEU A 560 -0.13 24.67 16.27
N LEU A 561 -0.65 25.10 15.13
CA LEU A 561 0.11 25.08 13.89
C LEU A 561 1.46 25.77 14.06
N LYS A 562 1.49 26.89 14.77
CA LYS A 562 2.74 27.61 14.96
C LYS A 562 3.60 27.02 16.06
N TYR A 563 3.00 26.61 17.18
CA TYR A 563 3.81 26.39 18.37
C TYR A 563 3.83 24.98 18.97
N ASP A 564 2.93 24.11 18.52
CA ASP A 564 2.84 22.77 19.09
C ASP A 564 4.12 21.97 18.78
N SER A 565 4.45 20.99 19.62
CA SER A 565 5.62 20.15 19.38
C SER A 565 5.35 19.00 18.40
N ASP A 566 4.10 18.62 18.22
CA ASP A 566 3.82 17.42 17.45
C ASP A 566 3.53 17.69 15.97
N ALA A 567 4.31 17.10 15.08
CA ALA A 567 4.14 17.31 13.64
C ALA A 567 2.72 16.99 13.17
N PHE A 568 2.17 15.86 13.59
CA PHE A 568 0.84 15.52 13.13
C PHE A 568 -0.21 16.54 13.62
N VAL A 569 -0.16 16.93 14.89
CA VAL A 569 -1.24 17.81 15.39
C VAL A 569 -1.15 19.17 14.69
N ARG A 570 0.07 19.59 14.35
CA ARG A 570 0.24 20.84 13.63
C ARG A 570 -0.40 20.72 12.25
N TYR A 571 -0.05 19.63 11.57
CA TYR A 571 -0.53 19.28 10.24
C TYR A 571 -2.05 19.11 10.25
N ASN A 572 -2.57 18.46 11.29
CA ASN A 572 -4.00 18.26 11.38
C ASN A 572 -4.75 19.57 11.68
N SER A 573 -4.13 20.44 12.46
CA SER A 573 -4.79 21.69 12.78
C SER A 573 -4.94 22.51 11.51
N CYS A 574 -3.87 22.56 10.71
CA CYS A 574 -3.92 23.14 9.38
C CYS A 574 -4.99 22.47 8.52
N THR A 575 -4.97 21.14 8.47
CA THR A 575 -6.03 20.40 7.77
C THR A 575 -7.43 20.85 8.22
N ASN A 576 -7.63 20.99 9.53
CA ASN A 576 -8.95 21.34 10.04
C ASN A 576 -9.37 22.76 9.66
N ILE A 577 -8.41 23.67 9.65
CA ILE A 577 -8.69 25.04 9.22
C ILE A 577 -9.15 25.02 7.75
N TYR A 578 -8.40 24.30 6.91
CA TYR A 578 -8.76 24.18 5.49
C TYR A 578 -10.15 23.58 5.29
N MET A 579 -10.44 22.49 6.00
CA MET A 579 -11.74 21.83 5.84
C MET A 579 -12.92 22.75 6.19
N LYS A 580 -12.81 23.50 7.28
CA LYS A 580 -13.86 24.43 7.65
C LYS A 580 -14.09 25.43 6.51
N GLN A 581 -13.00 25.94 5.95
CA GLN A 581 -13.07 26.89 4.83
C GLN A 581 -13.69 26.24 3.59
N ILE A 582 -13.22 25.04 3.26
CA ILE A 582 -13.69 24.31 2.09
C ILE A 582 -15.19 24.03 2.18
N LEU A 583 -15.65 23.54 3.33
CA LEU A 583 -17.07 23.25 3.52
C LEU A 583 -17.91 24.52 3.41
N MET A 584 -17.41 25.62 3.96
CA MET A 584 -18.14 26.89 3.91
CA MET A 584 -18.14 26.88 3.92
C MET A 584 -18.25 27.40 2.49
N ASN A 585 -17.12 27.48 1.80
CA ASN A 585 -17.11 27.97 0.42
C ASN A 585 -17.89 27.03 -0.53
N TYR A 586 -17.77 25.72 -0.31
CA TYR A 586 -18.51 24.75 -1.11
C TYR A 586 -20.01 25.06 -1.05
N ASN A 587 -20.52 25.22 0.16
CA ASN A 587 -21.95 25.45 0.36
C ASN A 587 -22.39 26.77 -0.24
N GLU A 588 -21.50 27.76 -0.22
CA GLU A 588 -21.81 29.07 -0.81
C GLU A 588 -21.89 28.96 -2.34
N PHE A 589 -20.89 28.33 -2.96
CA PHE A 589 -20.93 28.04 -4.39
C PHE A 589 -22.12 27.17 -4.78
N LEU A 590 -22.40 26.14 -3.97
CA LEU A 590 -23.51 25.22 -4.27
C LEU A 590 -24.83 25.96 -4.26
N LYS A 591 -25.05 26.76 -3.23
CA LYS A 591 -26.28 27.54 -3.07
C LYS A 591 -26.44 28.50 -4.25
N ALA A 592 -25.34 29.13 -4.67
CA ALA A 592 -25.40 30.03 -5.82
C ALA A 592 -25.83 29.31 -7.09
N LYS A 593 -25.27 28.12 -7.29
CA LYS A 593 -25.57 27.28 -8.45
C LYS A 593 -27.00 26.78 -8.41
N ASN A 594 -27.42 26.26 -7.27
CA ASN A 594 -28.77 25.74 -7.14
C ASN A 594 -29.83 26.82 -7.32
N GLU A 595 -29.59 27.99 -6.74
CA GLU A 595 -30.57 29.07 -6.81
C GLU A 595 -30.34 29.97 -8.02
N LYS A 596 -29.36 29.63 -8.85
CA LYS A 596 -29.06 30.40 -10.07
C LYS A 596 -28.92 31.90 -9.76
N LEU A 597 -28.13 32.21 -8.74
CA LEU A 597 -27.96 33.57 -8.28
C LEU A 597 -27.16 34.41 -9.26
N GLU A 598 -27.54 35.67 -9.40
CA GLU A 598 -26.80 36.59 -10.25
C GLU A 598 -25.56 37.12 -9.52
N SER A 599 -25.65 37.20 -8.20
CA SER A 599 -24.52 37.63 -7.39
C SER A 599 -24.64 36.98 -6.01
N PHE A 600 -23.51 36.87 -5.32
CA PHE A 600 -23.45 36.25 -4.02
C PHE A 600 -22.09 36.51 -3.37
N GLN A 601 -21.98 36.21 -2.09
CA GLN A 601 -20.71 36.36 -1.40
C GLN A 601 -20.04 35.06 -1.00
N LEU A 602 -18.71 35.08 -0.99
CA LEU A 602 -17.91 33.98 -0.47
C LEU A 602 -17.15 34.42 0.78
N THR A 603 -17.10 33.53 1.77
CA THR A 603 -16.32 33.77 2.98
C THR A 603 -14.85 33.76 2.66
N PRO A 604 -14.16 34.88 2.92
CA PRO A 604 -12.71 34.88 2.67
C PRO A 604 -11.92 33.90 3.54
N VAL A 605 -10.73 33.53 3.08
CA VAL A 605 -9.83 32.70 3.89
C VAL A 605 -9.37 33.51 5.09
N ASN A 606 -9.36 32.89 6.26
CA ASN A 606 -8.94 33.53 7.51
C ASN A 606 -7.56 34.19 7.35
N ALA A 607 -7.49 35.50 7.61
CA ALA A 607 -6.29 36.25 7.30
C ALA A 607 -5.14 35.91 8.23
N GLN A 608 -5.46 35.56 9.48
CA GLN A 608 -4.44 35.17 10.45
C GLN A 608 -3.88 33.79 10.11
N PHE A 609 -4.69 32.95 9.48
CA PHE A 609 -4.22 31.67 8.97
C PHE A 609 -3.16 31.88 7.88
N ILE A 610 -3.48 32.74 6.91
CA ILE A 610 -2.53 33.07 5.85
C ILE A 610 -1.24 33.62 6.48
N ASP A 611 -1.38 34.51 7.46
CA ASP A 611 -0.23 35.03 8.20
C ASP A 611 0.64 33.93 8.81
N ALA A 612 -0.01 32.89 9.34
CA ALA A 612 0.70 31.79 9.98
C ALA A 612 1.47 30.98 8.93
N ILE A 613 0.84 30.74 7.78
CA ILE A 613 1.52 30.05 6.69
C ILE A 613 2.79 30.81 6.29
N LYS A 614 2.68 32.13 6.19
CA LYS A 614 3.82 32.98 5.84
C LYS A 614 4.93 32.87 6.88
N TYR A 615 4.53 32.87 8.15
CA TYR A 615 5.45 32.77 9.27
C TYR A 615 6.27 31.47 9.18
N LEU A 616 5.58 30.36 8.97
CA LEU A 616 6.25 29.07 8.87
C LEU A 616 7.14 29.02 7.63
N LEU A 617 6.63 29.50 6.51
CA LEU A 617 7.39 29.45 5.27
C LEU A 617 8.71 30.21 5.40
N GLU A 618 8.66 31.33 6.13
CA GLU A 618 9.81 32.21 6.23
C GLU A 618 10.75 31.80 7.36
N ASP A 619 10.37 30.80 8.13
CA ASP A 619 11.24 30.31 9.19
C ASP A 619 12.27 29.34 8.63
N PRO A 620 13.55 29.75 8.64
CA PRO A 620 14.64 28.94 8.07
C PRO A 620 14.85 27.63 8.80
N HIS A 621 14.43 27.56 10.06
CA HIS A 621 14.65 26.38 10.86
C HIS A 621 13.54 25.37 10.68
N ALA A 622 12.46 25.78 10.01
CA ALA A 622 11.31 24.90 9.81
C ALA A 622 11.56 23.92 8.66
N ASP A 623 10.84 22.80 8.65
CA ASP A 623 11.09 21.71 7.73
C ASP A 623 10.43 21.89 6.35
N ALA A 624 11.23 21.75 5.29
CA ALA A 624 10.75 21.96 3.93
C ALA A 624 9.61 21.02 3.56
N GLY A 625 9.67 19.77 3.98
CA GLY A 625 8.60 18.84 3.68
C GLY A 625 7.29 19.24 4.37
N PHE A 626 7.40 19.61 5.64
CA PHE A 626 6.23 20.06 6.38
C PHE A 626 5.61 21.30 5.70
N LYS A 627 6.48 22.21 5.28
CA LYS A 627 6.04 23.40 4.58
C LYS A 627 5.24 23.03 3.34
N SER A 628 5.64 21.97 2.64
CA SER A 628 4.94 21.61 1.41
C SER A 628 3.53 21.13 1.71
N TYR A 629 3.33 20.58 2.90
CA TYR A 629 2.01 20.12 3.29
C TYR A 629 1.09 21.30 3.61
N ILE A 630 1.62 22.35 4.24
CA ILE A 630 0.74 23.40 4.72
C ILE A 630 0.25 24.30 3.57
N VAL A 631 0.94 24.33 2.43
CA VAL A 631 0.47 25.14 1.32
C VAL A 631 -0.40 24.33 0.36
N SER A 632 -0.65 23.08 0.72
CA SER A 632 -1.51 22.21 -0.07
C SER A 632 -2.82 22.00 0.66
N LEU A 633 -3.93 22.11 -0.07
CA LEU A 633 -5.23 21.75 0.49
C LEU A 633 -5.32 20.24 0.70
N PRO A 634 -6.21 19.79 1.59
CA PRO A 634 -6.46 18.37 1.78
C PRO A 634 -6.80 17.66 0.46
N GLN A 635 -6.37 16.40 0.34
CA GLN A 635 -6.71 15.54 -0.79
C GLN A 635 -8.19 15.53 -1.08
N ASP A 636 -8.56 15.50 -2.36
CA ASP A 636 -9.97 15.39 -2.73
C ASP A 636 -10.61 14.18 -2.05
N ARG A 637 -9.89 13.07 -1.96
CA ARG A 637 -10.49 11.89 -1.38
C ARG A 637 -10.61 11.95 0.14
N TYR A 638 -9.91 12.90 0.76
CA TYR A 638 -10.13 13.19 2.18
C TYR A 638 -11.36 14.09 2.32
N ILE A 639 -11.42 15.13 1.51
CA ILE A 639 -12.56 16.05 1.50
C ILE A 639 -13.92 15.35 1.29
N ILE A 640 -13.97 14.38 0.39
CA ILE A 640 -15.26 13.82 -0.01
CA ILE A 640 -15.24 13.79 -0.02
C ILE A 640 -15.93 13.06 1.15
N ASN A 641 -15.15 12.62 2.12
CA ASN A 641 -15.73 11.96 3.29
C ASN A 641 -16.57 12.89 4.16
N PHE A 642 -16.53 14.18 3.84
CA PHE A 642 -17.20 15.19 4.65
C PHE A 642 -18.35 15.86 3.93
N VAL A 643 -18.58 15.48 2.68
CA VAL A 643 -19.62 16.12 1.85
C VAL A 643 -20.54 15.08 1.26
N SER A 644 -21.84 15.27 1.43
CA SER A 644 -22.84 14.42 0.78
C SER A 644 -23.15 14.93 -0.62
N ASN A 645 -23.43 14.03 -1.54
CA ASN A 645 -23.79 14.42 -2.90
C ASN A 645 -22.78 15.38 -3.50
N LEU A 646 -21.49 15.08 -3.34
CA LEU A 646 -20.45 16.01 -3.75
C LEU A 646 -20.50 16.35 -5.23
N ASP A 647 -20.76 17.61 -5.52
CA ASP A 647 -20.69 18.14 -6.89
C ASP A 647 -19.21 18.43 -7.17
N THR A 648 -18.57 17.63 -8.02
CA THR A 648 -17.13 17.77 -8.21
C THR A 648 -16.75 19.11 -8.86
N ASP A 649 -17.63 19.65 -9.68
CA ASP A 649 -17.41 20.97 -10.27
C ASP A 649 -17.35 22.07 -9.23
N VAL A 650 -18.27 21.99 -8.28
CA VAL A 650 -18.35 22.98 -7.22
C VAL A 650 -17.11 22.85 -6.32
N LEU A 651 -16.66 21.62 -6.07
CA LEU A 651 -15.46 21.43 -5.25
C LEU A 651 -14.25 22.01 -5.98
N ALA A 652 -14.18 21.78 -7.30
CA ALA A 652 -13.10 22.36 -8.10
C ALA A 652 -13.12 23.88 -8.02
N ASP A 653 -14.31 24.48 -8.11
CA ASP A 653 -14.40 25.93 -7.97
C ASP A 653 -13.97 26.37 -6.57
N THR A 654 -14.34 25.58 -5.57
CA THR A 654 -14.03 25.91 -4.18
C THR A 654 -12.52 25.94 -3.95
N LYS A 655 -11.85 24.89 -4.40
CA LYS A 655 -10.42 24.78 -4.26
C LYS A 655 -9.72 25.93 -4.99
N GLU A 656 -10.21 26.24 -6.18
CA GLU A 656 -9.61 27.32 -6.96
C GLU A 656 -9.72 28.67 -6.24
N TYR A 657 -10.88 28.93 -5.63
CA TYR A 657 -11.08 30.18 -4.89
C TYR A 657 -10.10 30.29 -3.73
N ILE A 658 -9.96 29.20 -2.99
CA ILE A 658 -9.11 29.19 -1.81
C ILE A 658 -7.63 29.33 -2.15
N TYR A 659 -7.16 28.58 -3.16
CA TYR A 659 -5.78 28.73 -3.61
C TYR A 659 -5.50 30.16 -4.09
N LYS A 660 -6.48 30.79 -4.73
CA LYS A 660 -6.28 32.13 -5.26
C LYS A 660 -6.19 33.14 -4.12
N GLN A 661 -7.07 33.00 -3.15
CA GLN A 661 -7.07 33.84 -1.95
C GLN A 661 -5.70 33.83 -1.25
N ILE A 662 -5.16 32.65 -1.04
CA ILE A 662 -3.86 32.51 -0.38
C ILE A 662 -2.72 33.01 -1.27
N GLY A 663 -2.72 32.60 -2.54
CA GLY A 663 -1.71 33.03 -3.49
C GLY A 663 -1.69 34.55 -3.69
N ASP A 664 -2.87 35.17 -3.75
CA ASP A 664 -2.94 36.63 -3.87
C ASP A 664 -2.17 37.33 -2.74
N LYS A 665 -2.06 36.67 -1.59
CA LYS A 665 -1.29 37.22 -0.48
C LYS A 665 0.15 36.72 -0.45
N LEU A 666 0.39 35.46 -0.80
CA LEU A 666 1.72 34.89 -0.55
C LEU A 666 2.58 34.59 -1.78
N ASN A 667 2.09 34.87 -2.98
CA ASN A 667 2.85 34.47 -4.18
C ASN A 667 4.26 35.04 -4.23
N ASP A 668 4.46 36.26 -3.73
CA ASP A 668 5.80 36.84 -3.70
C ASP A 668 6.70 36.06 -2.74
N VAL A 669 6.13 35.65 -1.62
CA VAL A 669 6.84 34.78 -0.67
C VAL A 669 7.19 33.44 -1.33
N TYR A 670 6.22 32.84 -2.01
CA TYR A 670 6.45 31.57 -2.74
C TYR A 670 7.60 31.68 -3.74
N TYR A 671 7.59 32.74 -4.53
CA TYR A 671 8.61 32.93 -5.54
C TYR A 671 9.97 33.11 -4.91
N LYS A 672 10.02 33.94 -3.88
CA LYS A 672 11.27 34.21 -3.17
C LYS A 672 11.88 32.91 -2.63
N MET A 673 11.04 32.04 -2.10
CA MET A 673 11.48 30.76 -1.56
C MET A 673 11.90 29.83 -2.66
N PHE A 674 11.12 29.81 -3.75
CA PHE A 674 11.46 28.97 -4.89
C PHE A 674 12.87 29.27 -5.37
N LYS A 675 13.23 30.55 -5.37
CA LYS A 675 14.55 30.95 -5.83
C LYS A 675 15.63 30.62 -4.80
N SER A 676 15.31 30.82 -3.52
CA SER A 676 16.33 30.70 -2.49
C SER A 676 16.61 29.25 -2.14
N LEU A 677 15.67 28.35 -2.41
CA LEU A 677 15.84 26.94 -2.12
C LEU A 677 16.68 26.22 -3.17
N GLU A 678 16.92 26.88 -4.30
CA GLU A 678 17.52 26.20 -5.46
C GLU A 678 18.87 25.56 -5.16
N ALA A 679 19.78 26.33 -4.57
CA ALA A 679 21.15 25.86 -4.34
C ALA A 679 21.18 24.57 -3.53
N LYS A 680 20.47 24.53 -2.41
CA LYS A 680 20.45 23.32 -1.59
C LYS A 680 19.58 22.21 -2.17
N ALA A 681 18.43 22.58 -2.72
CA ALA A 681 17.53 21.57 -3.26
C ALA A 681 18.16 20.82 -4.44
N ASP A 682 18.83 21.54 -5.33
CA ASP A 682 19.29 20.93 -6.56
C ASP A 682 20.78 20.63 -6.56
N ASP A 683 21.42 20.72 -5.39
CA ASP A 683 22.84 20.43 -5.26
C ASP A 683 23.21 19.11 -5.94
N LEU A 684 24.22 19.16 -6.81
CA LEU A 684 24.60 18.00 -7.62
C LEU A 684 25.79 17.22 -7.06
N THR A 685 26.29 17.63 -5.91
CA THR A 685 27.48 17.02 -5.30
C THR A 685 27.48 15.48 -5.33
N TYR A 686 26.34 14.88 -4.99
CA TYR A 686 26.27 13.42 -4.88
C TYR A 686 25.43 12.75 -5.95
N PHE A 687 25.15 13.49 -7.02
CA PHE A 687 24.35 13.00 -8.14
C PHE A 687 24.90 11.70 -8.75
N ASN A 688 26.21 11.48 -8.72
CA ASN A 688 26.73 10.24 -9.27
C ASN A 688 27.07 9.19 -8.20
N ASP A 689 26.57 9.41 -6.98
CA ASP A 689 26.70 8.43 -5.91
C ASP A 689 25.33 7.82 -5.60
N GLU A 690 25.12 6.58 -6.02
CA GLU A 690 23.82 5.96 -5.89
C GLU A 690 23.47 5.48 -4.49
N SER A 691 24.43 5.52 -3.58
CA SER A 691 24.17 5.09 -2.22
CA SER A 691 24.17 5.09 -2.22
C SER A 691 23.92 6.27 -1.29
N HIS A 692 24.11 7.47 -1.83
CA HIS A 692 23.92 8.69 -1.05
C HIS A 692 22.52 9.28 -1.28
N VAL A 693 21.63 9.08 -0.30
CA VAL A 693 20.26 9.55 -0.42
C VAL A 693 19.94 10.47 0.75
N ASP A 694 19.45 11.65 0.41
CA ASP A 694 19.23 12.72 1.36
C ASP A 694 17.75 13.09 1.31
N PHE A 695 16.98 12.57 2.26
CA PHE A 695 15.55 12.76 2.24
C PHE A 695 15.16 14.22 2.52
N ASP A 696 15.99 14.95 3.26
CA ASP A 696 15.69 16.35 3.48
CA ASP A 696 15.74 16.37 3.49
C ASP A 696 15.85 17.13 2.19
N GLN A 697 16.89 16.83 1.41
CA GLN A 697 17.09 17.52 0.15
C GLN A 697 15.94 17.21 -0.81
N MET A 698 15.47 15.96 -0.81
CA MET A 698 14.35 15.60 -1.67
C MET A 698 13.11 16.37 -1.22
N ASN A 699 12.94 16.53 0.09
CA ASN A 699 11.84 17.36 0.61
C ASN A 699 11.92 18.82 0.13
N MET A 700 13.13 19.36 0.04
CA MET A 700 13.34 20.70 -0.49
C MET A 700 12.89 20.80 -1.94
N ARG A 701 13.17 19.76 -2.72
CA ARG A 701 12.70 19.72 -4.11
C ARG A 701 11.19 19.57 -4.15
N THR A 702 10.63 18.77 -3.24
CA THR A 702 9.18 18.67 -3.15
C THR A 702 8.56 20.05 -2.92
N LEU A 703 9.13 20.81 -2.00
CA LEU A 703 8.64 22.16 -1.72
C LEU A 703 8.76 23.08 -2.94
N ARG A 704 9.92 23.07 -3.60
CA ARG A 704 10.14 23.92 -4.78
C ARG A 704 9.14 23.61 -5.87
N ASN A 705 8.93 22.32 -6.09
CA ASN A 705 8.03 21.87 -7.14
C ASN A 705 6.57 22.14 -6.80
N THR A 706 6.25 22.08 -5.51
CA THR A 706 4.93 22.46 -5.05
C THR A 706 4.70 23.95 -5.25
N LEU A 707 5.67 24.75 -4.83
CA LEU A 707 5.58 26.19 -5.03
C LEU A 707 5.53 26.54 -6.52
N LEU A 708 6.33 25.86 -7.33
CA LEU A 708 6.34 26.17 -8.76
C LEU A 708 4.97 25.91 -9.36
N SER A 709 4.33 24.83 -8.94
CA SER A 709 2.99 24.52 -9.40
C SER A 709 2.01 25.62 -9.02
N LEU A 710 2.08 26.10 -7.78
CA LEU A 710 1.20 27.17 -7.31
C LEU A 710 1.40 28.45 -8.12
N LEU A 711 2.66 28.76 -8.39
CA LEU A 711 2.99 29.98 -9.09
C LEU A 711 2.59 29.89 -10.57
N SER A 712 2.63 28.67 -11.11
CA SER A 712 2.26 28.45 -12.50
C SER A 712 0.75 28.56 -12.70
N LYS A 713 -0.04 27.91 -11.85
CA LYS A 713 -1.50 28.02 -11.94
C LYS A 713 -1.90 29.48 -11.78
N ALA A 714 -1.19 30.21 -10.92
CA ALA A 714 -1.49 31.62 -10.65
C ALA A 714 -1.01 32.55 -11.78
N GLN A 715 -0.32 32.01 -12.77
CA GLN A 715 0.24 32.81 -13.86
C GLN A 715 1.12 33.93 -13.32
N TYR A 716 1.93 33.62 -12.30
CA TYR A 716 2.86 34.59 -11.73
C TYR A 716 3.73 35.20 -12.84
N PRO A 717 4.01 36.52 -12.74
CA PRO A 717 4.75 37.23 -13.81
C PRO A 717 6.06 36.55 -14.22
N ASN A 718 6.18 36.26 -15.51
CA ASN A 718 7.38 35.65 -16.08
C ASN A 718 7.78 34.29 -15.48
N ILE A 719 6.85 33.59 -14.86
CA ILE A 719 7.17 32.28 -14.25
C ILE A 719 7.57 31.25 -15.32
N LEU A 720 7.14 31.48 -16.56
CA LEU A 720 7.44 30.55 -17.63
C LEU A 720 8.93 30.45 -17.84
N ASN A 721 9.63 31.56 -17.63
CA ASN A 721 11.09 31.57 -17.62
C ASN A 721 11.64 30.53 -16.64
N GLU A 722 11.11 30.52 -15.42
CA GLU A 722 11.55 29.58 -14.40
C GLU A 722 11.25 28.15 -14.82
N ILE A 723 10.06 27.96 -15.40
CA ILE A 723 9.66 26.65 -15.85
C ILE A 723 10.63 26.12 -16.88
N ILE A 724 11.06 26.99 -17.79
CA ILE A 724 11.97 26.58 -18.86
C ILE A 724 13.34 26.20 -18.28
N GLU A 725 13.87 27.03 -17.38
CA GLU A 725 15.12 26.69 -16.69
C GLU A 725 15.00 25.38 -15.93
N HIS A 726 13.87 25.22 -15.24
CA HIS A 726 13.60 24.01 -14.48
C HIS A 726 13.68 22.76 -15.35
N SER A 727 13.26 22.86 -16.63
CA SER A 727 13.24 21.69 -17.50
C SER A 727 14.65 21.22 -17.84
N LYS A 728 15.63 22.07 -17.59
CA LYS A 728 17.03 21.75 -17.91
C LYS A 728 17.72 21.09 -16.73
N SER A 729 17.01 20.98 -15.61
CA SER A 729 17.58 20.35 -14.41
C SER A 729 17.91 18.88 -14.65
N PRO A 730 19.01 18.38 -14.05
CA PRO A 730 19.37 16.96 -14.17
C PRO A 730 18.42 16.02 -13.42
N TYR A 731 17.70 16.52 -12.41
CA TYR A 731 16.80 15.68 -11.61
C TYR A 731 15.43 15.51 -12.27
N PRO A 732 15.03 14.26 -12.53
CA PRO A 732 13.74 14.00 -13.18
C PRO A 732 12.53 14.53 -12.39
N SER A 733 12.60 14.60 -11.07
CA SER A 733 11.50 15.24 -10.31
C SER A 733 11.32 16.67 -10.79
N ASN A 734 12.43 17.35 -11.06
CA ASN A 734 12.36 18.72 -11.57
C ASN A 734 11.88 18.80 -13.01
N TRP A 735 12.53 18.09 -13.92
CA TRP A 735 12.16 18.33 -15.31
C TRP A 735 10.81 17.70 -15.67
N LEU A 736 10.36 16.69 -14.93
CA LEU A 736 8.99 16.20 -15.13
C LEU A 736 7.98 17.17 -14.54
N THR A 737 8.33 17.81 -13.42
CA THR A 737 7.51 18.88 -12.89
C THR A 737 7.37 20.00 -13.91
N SER A 738 8.44 20.30 -14.65
CA SER A 738 8.37 21.39 -15.62
C SER A 738 7.34 21.07 -16.70
N LEU A 739 7.22 19.79 -17.04
CA LEU A 739 6.19 19.37 -17.98
C LEU A 739 4.78 19.62 -17.42
N SER A 740 4.48 19.13 -16.22
CA SER A 740 3.11 19.30 -15.73
C SER A 740 2.75 20.75 -15.42
N VAL A 741 3.66 21.55 -14.88
CA VAL A 741 3.31 22.96 -14.60
C VAL A 741 3.23 23.80 -15.88
N SER A 742 3.90 23.35 -16.93
CA SER A 742 3.86 24.05 -18.22
C SER A 742 2.50 23.90 -18.90
N ALA A 743 1.65 23.04 -18.34
CA ALA A 743 0.30 22.82 -18.87
C ALA A 743 -0.47 24.12 -19.04
N TYR A 744 -0.16 25.12 -18.21
CA TYR A 744 -0.90 26.37 -18.25
C TYR A 744 -0.34 27.35 -19.28
N PHE A 745 0.60 26.89 -20.10
CA PHE A 745 1.23 27.73 -21.10
C PHE A 745 1.26 27.06 -22.47
N ASP A 746 1.53 27.85 -23.51
CA ASP A 746 1.56 27.32 -24.87
C ASP A 746 2.88 26.60 -25.17
N LYS A 747 3.72 26.45 -24.15
CA LYS A 747 4.98 25.77 -24.28
C LYS A 747 4.87 24.27 -23.88
N TYR A 748 3.67 23.85 -23.51
CA TYR A 748 3.43 22.50 -23.01
C TYR A 748 3.89 21.41 -23.97
N PHE A 749 3.42 21.44 -25.21
CA PHE A 749 3.74 20.35 -26.13
C PHE A 749 5.21 20.41 -26.53
N GLU A 750 5.81 21.58 -26.40
CA GLU A 750 7.25 21.70 -26.59
C GLU A 750 7.96 20.88 -25.52
N LEU A 751 7.54 21.05 -24.26
CA LEU A 751 8.15 20.32 -23.16
C LEU A 751 7.72 18.87 -23.14
N TYR A 752 6.51 18.61 -23.61
CA TYR A 752 6.01 17.25 -23.85
C TYR A 752 7.03 16.44 -24.68
N ASP A 753 7.44 17.02 -25.81
CA ASP A 753 8.38 16.35 -26.71
C ASP A 753 9.78 16.24 -26.09
N LYS A 754 10.24 17.30 -25.44
CA LYS A 754 11.54 17.29 -24.79
C LYS A 754 11.62 16.18 -23.76
N THR A 755 10.66 16.18 -22.84
CA THR A 755 10.69 15.22 -21.72
C THR A 755 10.42 13.78 -22.19
N TYR A 756 9.64 13.62 -23.27
CA TYR A 756 9.48 12.30 -23.87
C TYR A 756 10.81 11.73 -24.35
N LYS A 757 11.59 12.57 -25.01
CA LYS A 757 12.88 12.13 -25.54
C LYS A 757 13.83 11.77 -24.40
N LEU A 758 13.76 12.51 -23.30
CA LEU A 758 14.56 12.20 -22.12
C LEU A 758 14.14 10.87 -21.48
N SER A 759 12.87 10.50 -21.62
CA SER A 759 12.32 9.38 -20.86
C SER A 759 12.27 8.06 -21.63
N LYS A 760 12.22 8.14 -22.94
CA LYS A 760 11.81 7.01 -23.77
C LYS A 760 12.72 5.78 -23.71
N ASP A 761 13.99 5.96 -23.35
CA ASP A 761 14.95 4.87 -23.39
C ASP A 761 15.13 4.16 -22.04
N ASP A 762 14.39 4.60 -21.04
CA ASP A 762 14.32 3.90 -19.75
C ASP A 762 12.89 3.52 -19.48
N GLU A 763 12.66 2.22 -19.34
CA GLU A 763 11.30 1.68 -19.18
C GLU A 763 10.54 2.34 -18.02
N LEU A 764 11.20 2.48 -16.88
CA LEU A 764 10.52 2.99 -15.70
C LEU A 764 10.34 4.50 -15.82
N LEU A 765 11.35 5.19 -16.34
CA LEU A 765 11.24 6.64 -16.51
C LEU A 765 10.11 6.98 -17.49
N LEU A 766 9.99 6.21 -18.56
CA LEU A 766 8.91 6.43 -19.51
C LEU A 766 7.56 6.29 -18.80
N GLN A 767 7.46 5.35 -17.87
CA GLN A 767 6.22 5.18 -17.14
C GLN A 767 5.94 6.39 -16.24
N GLU A 768 6.99 7.00 -15.68
CA GLU A 768 6.80 8.23 -14.89
C GLU A 768 6.42 9.39 -15.79
N TRP A 769 6.96 9.39 -17.00
CA TRP A 769 6.57 10.40 -17.98
C TRP A 769 5.09 10.25 -18.29
N LEU A 770 4.65 9.01 -18.51
CA LEU A 770 3.24 8.73 -18.77
C LEU A 770 2.33 9.24 -17.65
N LYS A 771 2.70 8.96 -16.40
CA LYS A 771 1.96 9.48 -15.25
C LYS A 771 1.86 11.00 -15.26
N THR A 772 2.98 11.64 -15.60
CA THR A 772 3.06 13.10 -15.60
C THR A 772 2.12 13.70 -16.64
N VAL A 773 2.10 13.10 -17.82
CA VAL A 773 1.19 13.51 -18.87
C VAL A 773 -0.25 13.24 -18.46
N SER A 774 -0.49 12.04 -17.96
CA SER A 774 -1.85 11.64 -17.54
C SER A 774 -2.43 12.60 -16.51
N ARG A 775 -1.58 13.12 -15.64
CA ARG A 775 -2.00 13.98 -14.54
C ARG A 775 -1.97 15.48 -14.89
N SER A 776 -1.52 15.79 -16.11
CA SER A 776 -1.41 17.17 -16.58
C SER A 776 -2.74 17.92 -16.57
N ASP A 777 -2.74 19.13 -16.03
CA ASP A 777 -3.97 19.90 -15.97
C ASP A 777 -4.26 20.56 -17.30
N ARG A 778 -4.71 19.75 -18.26
CA ARG A 778 -4.91 20.19 -19.63
C ARG A 778 -6.38 20.16 -20.02
N LYS A 779 -6.84 21.18 -20.75
CA LYS A 779 -8.21 21.18 -21.24
C LYS A 779 -8.40 20.13 -22.35
N ASP A 780 -7.31 19.80 -23.03
CA ASP A 780 -7.33 18.81 -24.10
C ASP A 780 -6.82 17.44 -23.65
N ILE A 781 -6.99 17.14 -22.37
CA ILE A 781 -6.46 15.89 -21.80
C ILE A 781 -7.05 14.65 -22.48
N TYR A 782 -8.31 14.73 -22.94
CA TYR A 782 -8.90 13.58 -23.59
C TYR A 782 -8.22 13.30 -24.93
N GLU A 783 -7.93 14.36 -25.67
CA GLU A 783 -7.19 14.24 -26.92
C GLU A 783 -5.77 13.74 -26.62
N ILE A 784 -5.17 14.29 -25.56
CA ILE A 784 -3.84 13.89 -25.14
C ILE A 784 -3.77 12.40 -24.79
N LEU A 785 -4.78 11.91 -24.06
CA LEU A 785 -4.83 10.50 -23.68
C LEU A 785 -4.89 9.61 -24.92
N LYS A 786 -5.63 10.05 -25.91
CA LYS A 786 -5.78 9.32 -27.15
C LYS A 786 -4.42 9.24 -27.86
N LYS A 787 -3.65 10.31 -27.75
CA LYS A 787 -2.31 10.34 -28.35
C LYS A 787 -1.40 9.31 -27.65
N LEU A 788 -1.46 9.26 -26.32
CA LEU A 788 -0.70 8.28 -25.54
C LEU A 788 -1.06 6.86 -25.94
N GLU A 789 -2.35 6.59 -26.08
CA GLU A 789 -2.81 5.27 -26.48
C GLU A 789 -2.23 4.87 -27.83
N ASN A 790 -2.32 5.76 -28.81
CA ASN A 790 -1.91 5.44 -30.17
C ASN A 790 -0.41 5.42 -30.35
N GLU A 791 0.28 6.35 -29.70
CA GLU A 791 1.70 6.54 -29.94
C GLU A 791 2.60 5.79 -28.97
N VAL A 792 2.19 5.63 -27.71
CA VAL A 792 3.07 5.03 -26.70
C VAL A 792 2.54 3.75 -26.04
N LEU A 793 1.31 3.79 -25.52
CA LEU A 793 0.78 2.63 -24.79
C LEU A 793 0.49 1.46 -25.71
N LYS A 794 -0.25 1.73 -26.78
CA LYS A 794 -0.68 0.70 -27.74
C LYS A 794 -1.37 -0.47 -27.01
N ASP A 795 -1.04 -1.69 -27.38
CA ASP A 795 -1.69 -2.83 -26.73
C ASP A 795 -0.77 -3.52 -25.73
N SER A 796 0.04 -2.71 -25.03
CA SER A 796 0.87 -3.21 -23.94
C SER A 796 0.01 -3.88 -22.86
N LYS A 797 0.43 -5.05 -22.42
CA LYS A 797 -0.23 -5.72 -21.30
C LYS A 797 0.54 -5.53 -20.00
N ASN A 798 1.52 -4.62 -20.02
CA ASN A 798 2.28 -4.32 -18.81
C ASN A 798 1.45 -3.49 -17.85
N PRO A 799 1.20 -4.03 -16.65
CA PRO A 799 0.34 -3.30 -15.71
C PRO A 799 0.92 -1.93 -15.35
N ASN A 800 2.25 -1.78 -15.30
CA ASN A 800 2.82 -0.46 -15.00
C ASN A 800 2.46 0.56 -16.09
N ASP A 801 2.38 0.11 -17.33
CA ASP A 801 2.06 0.99 -18.46
C ASP A 801 0.61 1.45 -18.42
N ILE A 802 -0.29 0.48 -18.21
CA ILE A 802 -1.72 0.74 -18.18
C ILE A 802 -2.09 1.65 -16.99
N ARG A 803 -1.61 1.29 -15.81
CA ARG A 803 -1.85 2.12 -14.62
C ARG A 803 -1.29 3.53 -14.78
N ALA A 804 -0.12 3.67 -15.41
CA ALA A 804 0.50 4.98 -15.59
C ALA A 804 -0.33 5.90 -16.49
N VAL A 805 -0.87 5.32 -17.56
CA VAL A 805 -1.63 6.10 -18.53
C VAL A 805 -2.97 6.56 -17.94
N TYR A 806 -3.64 5.68 -17.18
CA TYR A 806 -5.02 5.95 -16.79
C TYR A 806 -5.25 6.44 -15.35
N LEU A 807 -4.62 5.84 -14.36
CA LEU A 807 -4.96 6.18 -12.97
C LEU A 807 -4.73 7.66 -12.59
N PRO A 808 -3.57 8.24 -12.96
CA PRO A 808 -3.40 9.64 -12.55
C PRO A 808 -4.49 10.55 -13.12
N PHE A 809 -4.92 10.26 -14.35
CA PHE A 809 -6.00 11.02 -14.98
C PHE A 809 -7.28 10.97 -14.15
N THR A 810 -7.55 9.84 -13.52
CA THR A 810 -8.81 9.71 -12.78
C THR A 810 -8.83 10.59 -11.54
N ASN A 811 -7.70 11.18 -11.20
CA ASN A 811 -7.70 12.16 -10.13
C ASN A 811 -7.90 13.60 -10.62
N ASN A 812 -8.13 13.78 -11.92
CA ASN A 812 -8.43 15.10 -12.46
C ASN A 812 -9.88 15.46 -12.14
N LEU A 813 -10.07 16.27 -11.10
CA LEU A 813 -11.39 16.53 -10.54
C LEU A 813 -12.36 17.06 -11.60
N ARG A 814 -11.93 18.09 -12.30
CA ARG A 814 -12.77 18.72 -13.30
C ARG A 814 -12.98 17.86 -14.57
N ARG A 815 -11.95 17.17 -15.05
CA ARG A 815 -12.03 16.49 -16.35
C ARG A 815 -12.48 15.03 -16.31
N PHE A 816 -11.96 14.25 -15.37
CA PHE A 816 -12.40 12.87 -15.25
C PHE A 816 -13.88 12.81 -14.94
N HIS A 817 -14.34 13.74 -14.09
CA HIS A 817 -15.75 13.80 -13.70
C HIS A 817 -16.58 14.70 -14.61
N ASP A 818 -16.12 14.86 -15.85
CA ASP A 818 -16.89 15.59 -16.86
C ASP A 818 -18.33 15.12 -16.83
N ILE A 819 -19.26 16.06 -16.82
CA ILE A 819 -20.67 15.79 -16.59
C ILE A 819 -21.30 14.92 -17.68
N SER A 820 -20.64 14.84 -18.83
CA SER A 820 -21.09 13.95 -19.90
C SER A 820 -20.96 12.48 -19.51
N GLY A 821 -20.09 12.19 -18.55
CA GLY A 821 -19.82 10.82 -18.16
C GLY A 821 -18.74 10.18 -19.01
N LYS A 822 -18.15 10.96 -19.91
CA LYS A 822 -17.19 10.39 -20.85
C LYS A 822 -15.89 9.90 -20.18
N GLY A 823 -15.51 10.48 -19.05
CA GLY A 823 -14.38 9.94 -18.32
C GLY A 823 -14.69 8.59 -17.72
N TYR A 824 -15.91 8.46 -17.18
CA TYR A 824 -16.37 7.18 -16.63
C TYR A 824 -16.44 6.10 -17.70
N LYS A 825 -16.95 6.48 -18.87
CA LYS A 825 -17.05 5.56 -20.01
C LYS A 825 -15.67 5.10 -20.46
N LEU A 826 -14.72 6.03 -20.44
CA LEU A 826 -13.35 5.74 -20.85
C LEU A 826 -12.69 4.70 -19.94
N ILE A 827 -12.72 4.90 -18.62
CA ILE A 827 -12.07 3.98 -17.71
C ILE A 827 -12.76 2.61 -17.69
N ALA A 828 -14.08 2.59 -17.81
CA ALA A 828 -14.83 1.33 -17.87
C ALA A 828 -14.43 0.48 -19.07
N GLU A 829 -14.26 1.13 -20.22
CA GLU A 829 -13.75 0.45 -21.40
C GLU A 829 -12.38 -0.16 -21.11
N VAL A 830 -11.52 0.60 -20.44
CA VAL A 830 -10.19 0.09 -20.13
C VAL A 830 -10.25 -1.08 -19.13
N ILE A 831 -11.16 -0.99 -18.15
CA ILE A 831 -11.33 -2.07 -17.18
C ILE A 831 -11.77 -3.34 -17.90
N THR A 832 -12.77 -3.22 -18.76
CA THR A 832 -13.33 -4.36 -19.46
C THR A 832 -12.30 -4.99 -20.40
N LYS A 833 -11.52 -4.15 -21.07
CA LYS A 833 -10.44 -4.61 -21.95
C LYS A 833 -9.34 -5.35 -21.17
N THR A 834 -8.99 -4.79 -20.01
CA THR A 834 -7.92 -5.33 -19.17
C THR A 834 -8.35 -6.63 -18.51
N ASP A 835 -9.63 -6.70 -18.16
CA ASP A 835 -10.18 -7.87 -17.48
C ASP A 835 -10.07 -9.16 -18.31
N LYS A 836 -10.00 -9.03 -19.63
CA LYS A 836 -9.82 -10.19 -20.49
C LYS A 836 -8.47 -10.90 -20.26
N PHE A 837 -7.44 -10.18 -19.83
CA PHE A 837 -6.14 -10.83 -19.59
C PHE A 837 -5.59 -10.68 -18.16
N ASN A 838 -6.07 -9.69 -17.41
CA ASN A 838 -5.58 -9.50 -16.05
C ASN A 838 -6.67 -8.94 -15.12
N PRO A 839 -7.50 -9.84 -14.52
CA PRO A 839 -8.57 -9.47 -13.60
C PRO A 839 -8.11 -8.65 -12.40
N MET A 840 -6.93 -8.97 -11.88
CA MET A 840 -6.35 -8.25 -10.75
C MET A 840 -6.20 -6.78 -11.04
N VAL A 841 -5.51 -6.48 -12.14
CA VAL A 841 -5.29 -5.10 -12.53
C VAL A 841 -6.61 -4.40 -12.95
N ALA A 842 -7.53 -5.15 -13.56
CA ALA A 842 -8.84 -4.60 -13.90
C ALA A 842 -9.56 -4.10 -12.66
N THR A 843 -9.48 -4.87 -11.59
CA THR A 843 -10.08 -4.45 -10.33
C THR A 843 -9.37 -3.21 -9.76
N GLN A 844 -8.05 -3.16 -9.86
CA GLN A 844 -7.31 -1.95 -9.46
C GLN A 844 -7.80 -0.73 -10.22
N LEU A 845 -8.08 -0.93 -11.50
CA LEU A 845 -8.48 0.17 -12.37
C LEU A 845 -9.89 0.65 -12.06
N CYS A 846 -10.62 -0.10 -11.23
CA CYS A 846 -11.92 0.32 -10.71
C CYS A 846 -11.86 1.41 -9.62
N GLU A 847 -10.68 1.68 -9.08
CA GLU A 847 -10.57 2.58 -7.92
C GLU A 847 -11.41 3.88 -7.99
N PRO A 848 -11.43 4.58 -9.15
CA PRO A 848 -12.27 5.80 -9.25
C PRO A 848 -13.73 5.59 -8.87
N PHE A 849 -14.25 4.40 -9.16
CA PHE A 849 -15.63 4.12 -8.89
C PHE A 849 -15.96 3.90 -7.40
N LYS A 850 -14.94 3.83 -6.54
CA LYS A 850 -15.18 3.50 -5.14
C LYS A 850 -16.01 4.57 -4.42
N LEU A 851 -15.91 5.81 -4.86
CA LEU A 851 -16.69 6.89 -4.30
C LEU A 851 -18.05 7.17 -4.95
N TRP A 852 -18.52 6.24 -5.80
CA TRP A 852 -19.62 6.54 -6.70
C TRP A 852 -20.89 7.04 -6.00
N ASN A 853 -21.22 6.48 -4.83
CA ASN A 853 -22.46 6.89 -4.16
C ASN A 853 -22.27 8.11 -3.26
N LYS A 854 -21.12 8.76 -3.36
CA LYS A 854 -20.86 9.99 -2.60
C LYS A 854 -20.95 11.24 -3.46
N LEU A 855 -21.21 11.06 -4.76
CA LEU A 855 -21.23 12.20 -5.69
C LEU A 855 -22.64 12.78 -5.84
N ASP A 856 -22.76 13.89 -6.55
CA ASP A 856 -24.08 14.43 -6.90
C ASP A 856 -24.89 13.39 -7.67
N THR A 857 -26.21 13.53 -7.67
CA THR A 857 -27.06 12.46 -8.22
C THR A 857 -26.85 12.19 -9.71
N LYS A 858 -26.46 13.19 -10.48
CA LYS A 858 -26.22 12.95 -11.90
C LYS A 858 -24.98 12.07 -12.10
N ARG A 859 -23.92 12.39 -11.37
CA ARG A 859 -22.68 11.64 -11.53
C ARG A 859 -22.81 10.25 -10.91
N GLN A 860 -23.53 10.13 -9.79
CA GLN A 860 -23.89 8.82 -9.25
C GLN A 860 -24.48 7.93 -10.33
N GLU A 861 -25.49 8.46 -11.02
CA GLU A 861 -26.18 7.73 -12.08
C GLU A 861 -25.23 7.35 -13.23
N LEU A 862 -24.35 8.27 -13.60
CA LEU A 862 -23.42 8.01 -14.71
C LEU A 862 -22.46 6.87 -14.37
N MET A 863 -21.86 6.97 -13.19
CA MET A 863 -20.95 5.93 -12.72
C MET A 863 -21.65 4.58 -12.60
N LEU A 864 -22.85 4.59 -12.03
CA LEU A 864 -23.59 3.37 -11.82
C LEU A 864 -23.92 2.68 -13.13
N ASN A 865 -24.30 3.47 -14.15
CA ASN A 865 -24.56 2.93 -15.47
CA ASN A 865 -24.56 2.91 -15.46
C ASN A 865 -23.35 2.18 -16.05
N GLU A 866 -22.16 2.76 -15.92
CA GLU A 866 -20.94 2.15 -16.45
C GLU A 866 -20.59 0.88 -15.68
N MET A 867 -20.81 0.90 -14.38
CA MET A 867 -20.56 -0.30 -13.60
C MET A 867 -21.51 -1.42 -13.99
N ASN A 868 -22.80 -1.12 -14.10
CA ASN A 868 -23.76 -2.11 -14.56
C ASN A 868 -23.45 -2.59 -15.97
N THR A 869 -22.97 -1.69 -16.82
CA THR A 869 -22.53 -2.07 -18.15
C THR A 869 -21.38 -3.08 -18.05
N MET A 870 -20.40 -2.78 -17.19
CA MET A 870 -19.29 -3.70 -16.96
C MET A 870 -19.76 -5.04 -16.40
N LEU A 871 -20.72 -5.00 -15.47
CA LEU A 871 -21.25 -6.21 -14.85
C LEU A 871 -21.97 -7.11 -15.86
N GLN A 872 -22.44 -6.52 -16.94
CA GLN A 872 -23.20 -7.27 -17.92
C GLN A 872 -22.31 -7.90 -19.00
N GLU A 873 -21.00 -7.64 -18.97
CA GLU A 873 -20.10 -8.28 -19.92
C GLU A 873 -20.11 -9.80 -19.72
N PRO A 874 -20.45 -10.55 -20.78
CA PRO A 874 -20.56 -12.01 -20.64
C PRO A 874 -19.28 -12.66 -20.15
N GLN A 875 -18.13 -12.09 -20.49
CA GLN A 875 -16.86 -12.73 -20.18
C GLN A 875 -16.20 -12.21 -18.91
N ILE A 876 -16.94 -11.42 -18.13
CA ILE A 876 -16.39 -10.80 -16.92
C ILE A 876 -15.77 -11.84 -15.97
N SER A 877 -14.62 -11.49 -15.39
CA SER A 877 -13.94 -12.41 -14.50
C SER A 877 -14.68 -12.52 -13.18
N ASN A 878 -14.43 -13.59 -12.44
CA ASN A 878 -14.99 -13.71 -11.10
C ASN A 878 -14.54 -12.57 -10.18
N ASN A 879 -13.26 -12.25 -10.27
CA ASN A 879 -12.65 -11.16 -9.52
C ASN A 879 -13.37 -9.84 -9.70
N LEU A 880 -13.54 -9.44 -10.96
CA LEU A 880 -14.18 -8.16 -11.25
C LEU A 880 -15.67 -8.19 -10.92
N LYS A 881 -16.33 -9.30 -11.23
CA LYS A 881 -17.76 -9.42 -10.95
C LYS A 881 -18.03 -9.27 -9.46
N GLU A 882 -17.24 -9.94 -8.63
CA GLU A 882 -17.44 -9.91 -7.19
C GLU A 882 -17.24 -8.49 -6.67
N TYR A 883 -16.18 -7.85 -7.13
CA TYR A 883 -15.85 -6.50 -6.71
C TYR A 883 -16.97 -5.52 -7.02
N LEU A 884 -17.46 -5.56 -8.25
CA LEU A 884 -18.49 -4.62 -8.68
C LEU A 884 -19.85 -4.94 -8.06
N LEU A 885 -20.11 -6.23 -7.84
CA LEU A 885 -21.35 -6.61 -7.15
C LEU A 885 -21.40 -6.01 -5.75
N ARG A 886 -20.28 -6.10 -5.02
CA ARG A 886 -20.19 -5.52 -3.69
C ARG A 886 -20.19 -3.99 -3.73
N LEU A 887 -19.42 -3.42 -4.66
CA LEU A 887 -19.36 -1.96 -4.77
C LEU A 887 -20.72 -1.35 -5.10
N THR A 888 -21.52 -2.04 -5.89
CA THR A 888 -22.83 -1.49 -6.26
C THR A 888 -23.94 -2.04 -5.39
N ASN A 889 -23.58 -2.55 -4.22
CA ASN A 889 -24.56 -2.97 -3.23
C ASN A 889 -25.64 -3.90 -3.76
N LYS A 890 -25.24 -4.91 -4.52
CA LYS A 890 -26.19 -5.92 -4.99
C LYS A 890 -25.99 -7.22 -4.23
ZN ZN B . 3.44 -7.92 2.59
CAA 4TM C . 1.73 -2.85 -0.34
CAW 4TM C . 3.03 -3.17 -1.08
CAB 4TM C . 4.20 -3.22 -0.07
CAC 4TM C . 3.33 -2.06 -2.10
CAR 4TM C . 2.97 -4.57 -1.73
OAE 4TM C . 3.59 -4.82 -2.77
N 4TM C . 2.26 -5.50 -1.07
CA 4TM C . 2.31 -6.92 -1.46
C 4TM C . 2.90 -7.59 -0.21
O 4TM C . 2.26 -7.66 0.84
NAN 4TM C . 4.19 -7.93 -0.33
OAF 4TM C . 4.83 -8.55 0.79
CAU 4TM C . 1.15 -7.58 -1.97
CAL 4TM C . 0.01 -6.91 -2.42
CAJ 4TM C . -1.04 -7.65 -2.96
CAK 4TM C . 1.21 -8.98 -2.09
CAI 4TM C . 0.15 -9.71 -2.64
CAS 4TM C . -1.01 -9.04 -3.07
CAT 4TM C . -2.06 -9.70 -3.62
CAH 4TM C . -2.09 -11.05 -3.80
CAG 4TM C . -3.21 -11.57 -4.38
SAP 4TM C . -4.18 -10.26 -4.69
CAM 4TM C . -3.14 -9.06 -4.06
MG MG D . -3.33 -24.00 -18.82
MG MG E . 7.73 -2.73 -21.83
S DMS F . -8.44 -3.69 -4.26
O DMS F . -7.14 -3.45 -3.51
C1 DMS F . -8.15 -3.51 -6.01
C2 DMS F . -9.02 -5.34 -3.95
S DMS G . -2.86 -2.63 -0.27
O DMS G . -1.74 -1.63 0.00
C1 DMS G . -3.91 -1.98 -1.56
C2 DMS G . -2.08 -4.12 -0.88
C1 GOL H . 24.33 -3.76 11.76
O1 GOL H . 25.28 -2.77 11.41
C2 GOL H . 24.19 -3.76 13.26
O2 GOL H . 22.88 -4.20 13.57
C3 GOL H . 25.18 -4.66 13.96
O3 GOL H . 26.31 -4.84 13.12
#